data_1MA7
#
_entry.id   1MA7
#
_cell.length_a   107.540
_cell.length_b   122.240
_cell.length_c   180.030
_cell.angle_alpha   90.00
_cell.angle_beta   90.00
_cell.angle_gamma   90.00
#
_symmetry.space_group_name_H-M   'C 2 2 21'
#
loop_
_entity.id
_entity.type
_entity.pdbx_description
1 polymer LOXP
2 polymer LOXP
3 polymer 'CRE RECOMBINASE'
4 water water
#
loop_
_entity_poly.entity_id
_entity_poly.type
_entity_poly.pdbx_seq_one_letter_code
_entity_poly.pdbx_strand_id
1 'polydeoxyribonucleotide'
;(DA)(DT)(DA)(DA)(DC)(DT)(DT)(DA)(DG)(DT)(DA)(DT)(DA)(DA)(DT)(DG)(DT)(DA)(DT)(DG)
(DC)(DT)(DA)(DT)(DA)(DC)(DT)(DA)(DA)(DG)(DT)(DT)(DA)(DT)
;
C
2 'polydeoxyribonucleotide'
;(DA)(DT)(DA)(DA)(DC)(DT)(DT)(DA)(DG)(DT)(DA)(DT)(DA)(DG)(DC)(DA)(DT)(DA)(DC)(DA)
(DT)(DT)(DA)(DT)(DA)(DC)(DT)(DA)(DA)(DG)(DT)(DT)(DA)(DT)
;
D
3 'polypeptide(L)'
;MHHHHHHSNLLTVHQNLPALPVDATSDEVRKNLMDMFRDRQAFSEHTWKMLLSVCRSWAAWCKLNNRKWFPAEPEDVRDY
LLYLQARGLAVKTIQQHLGQLNMLHRRSGLPRPSDSNAVSLVMRRIRKENVDAGERAKQALAFERTDFDQVRSLMENSDR
CQDIRNLAFLGIAYNTLLRIAEIARIRVKDISRTDGGRMLIHIGRTKTLVSTAGVEKALSLGVTKLVERWISVSGVADDP
NNYLFCRVRKNGVAAPSATSQLSTRALEGIFEATHRLIYGAKDDSGQRYLAWSGHSARVGAARDMARAGVSIPEIMQAGG
WTNVNIVMNYIRNLDSETGAMVRLLEDGD
;
A,B
#
loop_
_chem_comp.id
_chem_comp.type
_chem_comp.name
_chem_comp.formula
DA DNA linking 2'-DEOXYADENOSINE-5'-MONOPHOSPHATE 'C10 H14 N5 O6 P'
DC DNA linking 2'-DEOXYCYTIDINE-5'-MONOPHOSPHATE 'C9 H14 N3 O7 P'
DG DNA linking 2'-DEOXYGUANOSINE-5'-MONOPHOSPHATE 'C10 H14 N5 O7 P'
DT DNA linking THYMIDINE-5'-MONOPHOSPHATE 'C10 H15 N2 O8 P'
#
# COMPACT_ATOMS: atom_id res chain seq x y z
N THR C 25 33.71 17.57 -11.02
CA THR C 25 34.31 18.18 -9.85
C THR C 25 34.30 17.25 -8.64
N SER C 26 35.37 17.30 -7.85
CA SER C 26 35.44 16.47 -6.67
C SER C 26 34.62 17.13 -5.58
N ASP C 27 34.33 18.41 -5.75
CA ASP C 27 33.50 19.13 -4.79
C ASP C 27 32.06 18.76 -5.01
N GLU C 28 31.70 18.54 -6.28
CA GLU C 28 30.35 18.19 -6.64
C GLU C 28 30.04 16.81 -6.10
N VAL C 29 31.01 15.91 -6.23
CA VAL C 29 30.85 14.53 -5.74
C VAL C 29 30.89 14.49 -4.23
N ARG C 30 31.75 15.32 -3.64
CA ARG C 30 31.90 15.38 -2.20
C ARG C 30 30.68 15.97 -1.51
N LYS C 31 30.01 16.88 -2.21
CA LYS C 31 28.79 17.48 -1.70
C LYS C 31 27.70 16.43 -1.80
N ASN C 32 27.82 15.56 -2.81
CA ASN C 32 26.86 14.50 -2.98
C ASN C 32 27.00 13.44 -1.89
N LEU C 33 28.23 13.11 -1.51
CA LEU C 33 28.41 12.14 -0.43
C LEU C 33 27.97 12.74 0.90
N MET C 34 28.00 14.06 1.02
CA MET C 34 27.55 14.70 2.25
C MET C 34 26.01 14.71 2.30
N ASP C 35 25.37 14.80 1.13
CA ASP C 35 23.92 14.80 1.06
C ASP C 35 23.49 13.43 1.51
N MET C 36 24.22 12.42 1.03
CA MET C 36 23.93 11.03 1.31
C MET C 36 23.98 10.69 2.78
N PHE C 37 25.02 11.16 3.46
CA PHE C 37 25.17 10.85 4.88
C PHE C 37 24.20 11.63 5.74
N ARG C 38 23.99 12.88 5.37
CA ARG C 38 23.11 13.77 6.12
C ARG C 38 21.71 13.21 6.14
N ASP C 39 21.29 12.64 5.02
CA ASP C 39 19.95 12.08 4.91
C ASP C 39 20.00 10.57 4.68
N ARG C 40 20.89 9.89 5.40
CA ARG C 40 21.05 8.46 5.27
C ARG C 40 19.81 7.72 5.69
N GLN C 41 19.04 8.34 6.58
CA GLN C 41 17.78 7.76 7.06
C GLN C 41 16.76 7.66 5.94
N ALA C 42 17.19 7.99 4.73
CA ALA C 42 16.33 7.91 3.56
C ALA C 42 16.27 6.46 3.10
N PHE C 43 17.16 5.65 3.64
CA PHE C 43 17.23 4.24 3.29
C PHE C 43 17.20 3.38 4.55
N SER C 44 16.96 2.09 4.36
CA SER C 44 16.90 1.13 5.46
C SER C 44 18.30 0.75 5.93
N GLU C 45 18.38 0.18 7.13
CA GLU C 45 19.64 -0.29 7.66
C GLU C 45 20.12 -1.40 6.75
N HIS C 46 19.20 -2.25 6.30
CA HIS C 46 19.55 -3.36 5.42
C HIS C 46 20.16 -2.86 4.11
N THR C 47 19.54 -1.84 3.54
CA THR C 47 20.01 -1.25 2.27
C THR C 47 21.43 -0.75 2.40
N TRP C 48 21.71 -0.08 3.51
CA TRP C 48 23.04 0.43 3.78
C TRP C 48 23.99 -0.72 4.01
N LYS C 49 23.53 -1.74 4.73
CA LYS C 49 24.36 -2.90 5.01
C LYS C 49 24.77 -3.53 3.69
N MET C 50 23.81 -3.64 2.77
CA MET C 50 24.12 -4.21 1.47
C MET C 50 24.99 -3.29 0.61
N LEU C 51 24.77 -1.98 0.69
CA LEU C 51 25.57 -1.02 -0.07
C LEU C 51 27.02 -1.06 0.36
N LEU C 52 27.25 -1.15 1.68
CA LEU C 52 28.63 -1.26 2.21
C LEU C 52 29.26 -2.58 1.80
N SER C 53 28.46 -3.65 1.90
CA SER C 53 28.93 -4.98 1.56
C SER C 53 29.46 -5.05 0.15
N VAL C 54 28.67 -4.54 -0.80
CA VAL C 54 29.06 -4.54 -2.20
C VAL C 54 30.32 -3.70 -2.45
N CYS C 55 30.38 -2.53 -1.82
CA CYS C 55 31.53 -1.66 -1.93
C CYS C 55 32.77 -2.37 -1.38
N ARG C 56 32.63 -3.04 -0.24
CA ARG C 56 33.75 -3.74 0.38
C ARG C 56 34.25 -4.79 -0.59
N SER C 57 33.32 -5.42 -1.28
CA SER C 57 33.66 -6.45 -2.25
C SER C 57 34.28 -5.80 -3.47
N TRP C 58 33.60 -4.82 -4.05
CA TRP C 58 34.08 -4.14 -5.25
C TRP C 58 35.43 -3.54 -4.97
N ALA C 59 35.60 -2.92 -3.81
CA ALA C 59 36.87 -2.29 -3.46
C ALA C 59 37.97 -3.32 -3.33
N ALA C 60 37.62 -4.49 -2.79
CA ALA C 60 38.60 -5.55 -2.58
C ALA C 60 39.12 -6.17 -3.87
N TRP C 61 38.26 -6.28 -4.89
CA TRP C 61 38.67 -6.87 -6.16
C TRP C 61 39.50 -5.90 -6.99
N CYS C 62 39.13 -4.63 -6.93
CA CYS C 62 39.81 -3.57 -7.66
C CYS C 62 41.28 -3.50 -7.24
N LYS C 63 41.50 -3.45 -5.92
CA LYS C 63 42.85 -3.40 -5.38
C LYS C 63 43.61 -4.62 -5.86
N LEU C 64 43.08 -5.80 -5.56
CA LEU C 64 43.69 -7.05 -5.96
C LEU C 64 43.99 -7.02 -7.45
N ASN C 65 43.10 -6.40 -8.20
CA ASN C 65 43.27 -6.31 -9.64
C ASN C 65 43.84 -4.98 -10.12
N ASN C 66 44.27 -4.15 -9.18
CA ASN C 66 44.87 -2.86 -9.50
C ASN C 66 43.96 -1.97 -10.35
N ARG C 67 42.76 -1.72 -9.84
CA ARG C 67 41.79 -0.86 -10.52
C ARG C 67 41.35 0.20 -9.54
N LYS C 68 40.88 1.35 -10.03
CA LYS C 68 40.35 2.39 -9.18
C LYS C 68 38.88 2.05 -8.92
N TRP C 69 38.50 1.96 -7.65
CA TRP C 69 37.14 1.58 -7.31
C TRP C 69 36.11 2.70 -7.38
N PHE C 70 36.58 3.94 -7.50
CA PHE C 70 35.70 5.10 -7.55
C PHE C 70 36.39 6.32 -8.14
N PRO C 71 35.85 6.85 -9.24
CA PRO C 71 34.65 6.32 -9.87
C PRO C 71 34.89 4.99 -10.55
N ALA C 72 33.82 4.23 -10.73
CA ALA C 72 33.91 2.92 -11.37
C ALA C 72 33.91 3.00 -12.89
N GLU C 73 34.90 2.40 -13.51
CA GLU C 73 35.02 2.38 -14.97
C GLU C 73 34.29 1.17 -15.56
N PRO C 74 33.61 1.40 -16.69
CA PRO C 74 32.87 0.34 -17.38
C PRO C 74 33.60 -0.98 -17.59
N GLU C 75 34.83 -0.93 -18.13
CA GLU C 75 35.57 -2.16 -18.38
C GLU C 75 35.94 -2.83 -17.07
N ASP C 76 35.89 -2.08 -15.99
CA ASP C 76 36.22 -2.63 -14.68
C ASP C 76 35.02 -3.34 -14.08
N VAL C 77 33.87 -2.68 -14.05
CA VAL C 77 32.65 -3.28 -13.51
C VAL C 77 32.32 -4.51 -14.33
N ARG C 78 32.60 -4.45 -15.63
CA ARG C 78 32.36 -5.59 -16.50
C ARG C 78 33.25 -6.73 -16.06
N ASP C 79 34.56 -6.46 -15.99
CA ASP C 79 35.50 -7.48 -15.52
C ASP C 79 35.05 -8.03 -14.17
N TYR C 80 34.58 -7.14 -13.31
CA TYR C 80 34.14 -7.51 -11.97
C TYR C 80 32.93 -8.42 -12.03
N LEU C 81 31.99 -8.12 -12.91
CA LEU C 81 30.77 -8.91 -13.05
C LEU C 81 31.06 -10.31 -13.60
N LEU C 82 32.16 -10.44 -14.34
CA LEU C 82 32.58 -11.72 -14.90
C LEU C 82 33.21 -12.53 -13.76
N TYR C 83 33.74 -11.81 -12.79
CA TYR C 83 34.38 -12.39 -11.62
C TYR C 83 33.30 -13.03 -10.75
N LEU C 84 32.22 -12.30 -10.54
CA LEU C 84 31.11 -12.78 -9.74
C LEU C 84 30.44 -13.97 -10.41
N GLN C 85 30.35 -13.93 -11.73
CA GLN C 85 29.71 -15.01 -12.49
C GLN C 85 30.55 -16.27 -12.34
N ALA C 86 31.87 -16.10 -12.42
CA ALA C 86 32.81 -17.19 -12.28
C ALA C 86 33.03 -17.53 -10.82
N ARG C 87 32.40 -16.76 -9.94
CA ARG C 87 32.46 -16.99 -8.51
C ARG C 87 31.35 -18.00 -8.25
N GLY C 88 30.54 -18.23 -9.28
CA GLY C 88 29.42 -19.14 -9.18
C GLY C 88 28.25 -18.48 -8.47
N LEU C 89 28.21 -17.15 -8.51
CA LEU C 89 27.16 -16.40 -7.83
C LEU C 89 25.87 -16.35 -8.65
N ALA C 90 24.75 -16.21 -7.96
CA ALA C 90 23.45 -16.13 -8.63
C ALA C 90 23.38 -14.89 -9.51
N VAL C 91 22.42 -14.85 -10.41
CA VAL C 91 22.25 -13.70 -11.29
C VAL C 91 21.61 -12.56 -10.50
N LYS C 92 20.79 -12.93 -9.53
CA LYS C 92 20.11 -11.96 -8.66
C LYS C 92 21.09 -11.34 -7.67
N THR C 93 22.25 -11.97 -7.52
CA THR C 93 23.28 -11.47 -6.63
C THR C 93 24.17 -10.53 -7.45
N ILE C 94 24.46 -10.94 -8.68
CA ILE C 94 25.27 -10.14 -9.58
C ILE C 94 24.50 -8.86 -9.89
N GLN C 95 23.17 -8.97 -9.88
CA GLN C 95 22.30 -7.83 -10.09
C GLN C 95 22.39 -6.90 -8.89
N GLN C 96 22.48 -7.50 -7.70
CA GLN C 96 22.57 -6.74 -6.46
C GLN C 96 23.84 -5.89 -6.42
N HIS C 97 24.95 -6.46 -6.89
CA HIS C 97 26.21 -5.77 -6.89
C HIS C 97 26.19 -4.58 -7.85
N LEU C 98 25.62 -4.81 -9.03
CA LEU C 98 25.54 -3.77 -10.05
C LEU C 98 24.59 -2.69 -9.56
N GLY C 99 23.55 -3.10 -8.86
CA GLY C 99 22.57 -2.18 -8.32
C GLY C 99 23.19 -1.20 -7.33
N GLN C 100 23.92 -1.73 -6.35
CA GLN C 100 24.56 -0.91 -5.33
C GLN C 100 25.56 0.05 -5.96
N LEU C 101 26.33 -0.45 -6.93
CA LEU C 101 27.31 0.37 -7.64
C LEU C 101 26.62 1.46 -8.43
N ASN C 102 25.44 1.14 -8.98
CA ASN C 102 24.66 2.10 -9.75
C ASN C 102 24.09 3.12 -8.77
N MET C 103 23.67 2.63 -7.62
CA MET C 103 23.09 3.48 -6.60
C MET C 103 24.15 4.42 -6.06
N LEU C 104 25.35 3.89 -5.86
CA LEU C 104 26.46 4.70 -5.35
C LEU C 104 26.82 5.84 -6.29
N HIS C 105 26.86 5.54 -7.58
CA HIS C 105 27.20 6.54 -8.58
C HIS C 105 26.06 7.51 -8.85
N ARG C 106 24.83 7.01 -8.85
CA ARG C 106 23.69 7.88 -9.09
C ARG C 106 23.62 8.96 -8.02
N ARG C 107 23.84 8.58 -6.78
CA ARG C 107 23.79 9.53 -5.69
C ARG C 107 25.14 10.21 -5.44
N SER C 108 26.08 10.06 -6.38
CA SER C 108 27.38 10.68 -6.26
C SER C 108 27.53 11.74 -7.37
N GLY C 109 26.71 11.60 -8.40
CA GLY C 109 26.73 12.51 -9.51
C GLY C 109 27.54 11.94 -10.66
N LEU C 110 28.12 10.77 -10.44
CA LEU C 110 28.90 10.14 -11.50
C LEU C 110 27.96 9.26 -12.34
N PRO C 111 28.34 9.00 -13.59
CA PRO C 111 27.50 8.18 -14.45
C PRO C 111 27.40 6.74 -13.92
N ARG C 112 26.19 6.18 -13.96
CA ARG C 112 25.97 4.80 -13.52
C ARG C 112 26.63 3.87 -14.51
N PRO C 113 27.23 2.79 -14.03
CA PRO C 113 27.94 1.83 -14.89
C PRO C 113 27.00 1.09 -15.84
N SER C 114 25.81 0.75 -15.36
CA SER C 114 24.84 0.05 -16.19
C SER C 114 24.41 0.96 -17.33
N ASP C 115 24.74 2.24 -17.20
CA ASP C 115 24.44 3.20 -18.25
C ASP C 115 25.54 3.09 -19.29
N SER C 116 26.42 2.12 -19.08
CA SER C 116 27.51 1.85 -20.01
C SER C 116 27.19 0.64 -20.88
N ASN C 117 27.63 0.71 -22.14
CA ASN C 117 27.43 -0.37 -23.09
C ASN C 117 28.09 -1.66 -22.62
N ALA C 118 29.41 -1.62 -22.43
CA ALA C 118 30.18 -2.78 -21.96
C ALA C 118 29.54 -3.45 -20.75
N VAL C 119 29.12 -2.64 -19.78
CA VAL C 119 28.45 -3.12 -18.59
C VAL C 119 27.06 -3.64 -18.95
N SER C 120 26.34 -2.87 -19.77
CA SER C 120 25.00 -3.26 -20.20
C SER C 120 25.03 -4.58 -20.98
N LEU C 121 26.04 -4.73 -21.84
CA LEU C 121 26.21 -5.93 -22.66
C LEU C 121 26.53 -7.16 -21.83
N VAL C 122 27.50 -7.03 -20.92
CA VAL C 122 27.90 -8.14 -20.08
C VAL C 122 26.78 -8.71 -19.20
N MET C 123 25.91 -7.85 -18.71
CA MET C 123 24.81 -8.30 -17.86
C MET C 123 23.79 -9.12 -18.65
N ARG C 124 23.56 -8.68 -19.90
CA ARG C 124 22.60 -9.37 -20.76
C ARG C 124 23.10 -10.76 -21.11
N ARG C 125 24.41 -10.88 -21.27
CA ARG C 125 25.03 -12.16 -21.57
C ARG C 125 25.05 -13.07 -20.36
N ILE C 126 25.43 -12.55 -19.20
CA ILE C 126 25.50 -13.34 -17.98
C ILE C 126 24.12 -13.87 -17.64
N ARG C 127 23.12 -13.01 -17.76
CA ARG C 127 21.74 -13.42 -17.50
C ARG C 127 21.40 -14.66 -18.31
N LYS C 128 21.60 -14.59 -19.62
CA LYS C 128 21.31 -15.71 -20.51
C LYS C 128 22.25 -16.90 -20.36
N GLU C 129 23.55 -16.62 -20.21
CA GLU C 129 24.54 -17.68 -20.06
C GLU C 129 24.23 -18.53 -18.84
N ASN C 130 23.65 -17.89 -17.83
CA ASN C 130 23.36 -18.56 -16.56
C ASN C 130 22.11 -19.45 -16.56
N VAL C 131 21.00 -18.95 -17.09
CA VAL C 131 19.80 -19.78 -17.15
C VAL C 131 20.09 -20.98 -18.05
N ASP C 132 20.94 -20.76 -19.04
CA ASP C 132 21.35 -21.80 -19.98
C ASP C 132 22.25 -22.88 -19.36
N ALA C 133 22.54 -22.79 -18.06
CA ALA C 133 23.40 -23.77 -17.39
C ALA C 133 22.65 -24.44 -16.24
N GLY C 134 21.49 -23.89 -15.92
CA GLY C 134 20.67 -24.44 -14.87
C GLY C 134 20.64 -23.59 -13.62
N GLU C 135 20.41 -22.28 -13.80
CA GLU C 135 20.30 -21.40 -12.67
C GLU C 135 18.90 -21.54 -12.11
N ARG C 136 18.76 -22.33 -11.05
CA ARG C 136 17.46 -22.52 -10.44
C ARG C 136 17.30 -21.63 -9.22
N ALA C 137 16.14 -21.01 -9.10
CA ALA C 137 15.86 -20.16 -7.95
C ALA C 137 15.20 -21.01 -6.87
N LYS C 138 15.67 -20.84 -5.64
CA LYS C 138 15.15 -21.60 -4.52
C LYS C 138 13.87 -21.00 -3.93
N GLN C 139 12.96 -21.87 -3.52
CA GLN C 139 11.71 -21.42 -2.92
C GLN C 139 11.75 -21.66 -1.41
N ALA C 140 11.18 -22.77 -0.95
CA ALA C 140 11.17 -23.05 0.49
C ALA C 140 10.63 -24.41 0.85
N LEU C 141 11.39 -25.14 1.66
CA LEU C 141 10.95 -26.44 2.12
C LEU C 141 9.68 -26.10 2.85
N ALA C 142 8.56 -26.32 2.18
CA ALA C 142 7.27 -25.97 2.75
C ALA C 142 7.06 -26.60 4.11
N PHE C 143 6.32 -25.91 4.97
CA PHE C 143 5.98 -26.43 6.30
C PHE C 143 4.45 -26.46 6.38
N GLU C 144 3.89 -27.58 5.96
CA GLU C 144 2.45 -27.73 5.88
C GLU C 144 1.84 -28.42 7.09
N ARG C 145 0.58 -28.85 6.96
CA ARG C 145 -0.11 -29.49 8.06
C ARG C 145 0.54 -30.83 8.43
N THR C 146 0.94 -31.60 7.43
CA THR C 146 1.61 -32.86 7.69
C THR C 146 2.71 -32.56 8.68
N ASP C 147 3.36 -31.43 8.46
CA ASP C 147 4.46 -30.99 9.30
C ASP C 147 4.08 -30.55 10.72
N PHE C 148 3.08 -29.69 10.82
CA PHE C 148 2.63 -29.22 12.14
C PHE C 148 2.10 -30.39 12.94
N ASP C 149 1.28 -31.22 12.30
CA ASP C 149 0.69 -32.38 12.95
C ASP C 149 1.78 -33.30 13.53
N GLN C 150 2.88 -33.40 12.80
CA GLN C 150 3.97 -34.28 13.21
C GLN C 150 4.79 -33.71 14.37
N VAL C 151 5.05 -32.40 14.32
CA VAL C 151 5.83 -31.73 15.34
C VAL C 151 5.00 -31.66 16.61
N ARG C 152 3.75 -31.29 16.43
CA ARG C 152 2.82 -31.19 17.53
C ARG C 152 2.80 -32.54 18.24
N SER C 153 2.67 -33.61 17.48
CA SER C 153 2.60 -34.96 18.06
C SER C 153 3.87 -35.33 18.83
N LEU C 154 5.01 -34.81 18.39
CA LEU C 154 6.29 -35.11 19.02
C LEU C 154 6.59 -34.30 20.26
N MET C 155 6.01 -33.10 20.36
CA MET C 155 6.33 -32.21 21.50
C MET C 155 5.16 -31.90 22.43
N GLU C 156 3.95 -32.24 22.00
CA GLU C 156 2.75 -31.96 22.77
C GLU C 156 2.87 -32.33 24.25
N ASN C 157 3.54 -33.46 24.50
CA ASN C 157 3.66 -33.97 25.86
C ASN C 157 4.86 -33.44 26.66
N SER C 158 5.89 -32.96 25.96
CA SER C 158 7.09 -32.47 26.64
C SER C 158 6.81 -31.35 27.64
N ASP C 159 7.48 -31.41 28.79
CA ASP C 159 7.33 -30.37 29.80
C ASP C 159 8.38 -29.28 29.60
N ARG C 160 9.28 -29.53 28.66
CA ARG C 160 10.36 -28.59 28.35
C ARG C 160 9.83 -27.21 27.98
N CYS C 161 10.21 -26.22 28.78
CA CYS C 161 9.78 -24.85 28.55
C CYS C 161 10.10 -24.42 27.13
N GLN C 162 11.12 -25.05 26.53
CA GLN C 162 11.53 -24.71 25.18
C GLN C 162 10.62 -25.32 24.13
N ASP C 163 10.27 -26.59 24.31
CA ASP C 163 9.38 -27.27 23.38
C ASP C 163 8.02 -26.59 23.42
N ILE C 164 7.60 -26.25 24.64
CA ILE C 164 6.32 -25.57 24.86
C ILE C 164 6.26 -24.25 24.08
N ARG C 165 7.35 -23.49 24.12
CA ARG C 165 7.40 -22.23 23.43
C ARG C 165 7.46 -22.38 21.92
N ASN C 166 8.32 -23.27 21.44
CA ASN C 166 8.51 -23.48 20.02
C ASN C 166 7.32 -24.14 19.34
N LEU C 167 6.42 -24.70 20.14
CA LEU C 167 5.23 -25.35 19.62
C LEU C 167 4.21 -24.26 19.34
N ALA C 168 4.20 -23.24 20.21
CA ALA C 168 3.31 -22.10 20.05
C ALA C 168 3.78 -21.27 18.88
N PHE C 169 5.10 -21.13 18.77
CA PHE C 169 5.68 -20.35 17.69
C PHE C 169 5.32 -20.99 16.36
N LEU C 170 5.61 -22.31 16.25
CA LEU C 170 5.29 -23.02 15.03
C LEU C 170 3.77 -23.01 14.88
N GLY C 171 3.09 -23.03 16.02
CA GLY C 171 1.63 -22.99 16.06
C GLY C 171 1.09 -21.78 15.31
N ILE C 172 1.48 -20.59 15.75
CA ILE C 172 1.00 -19.38 15.08
C ILE C 172 1.54 -19.29 13.66
N ALA C 173 2.85 -19.47 13.51
CA ALA C 173 3.48 -19.43 12.19
C ALA C 173 2.56 -19.97 11.10
N TYR C 174 2.01 -21.16 11.33
CA TYR C 174 1.10 -21.79 10.39
C TYR C 174 -0.23 -21.08 10.37
N ASN C 175 -0.99 -21.24 11.50
CA ASN C 175 -2.28 -20.58 11.56
C ASN C 175 -2.27 -19.13 11.08
N THR C 176 -1.29 -18.36 11.50
CA THR C 176 -1.24 -16.89 11.26
C THR C 176 -0.67 -16.40 9.92
N LEU C 177 0.29 -17.12 9.37
CA LEU C 177 0.90 -16.73 8.10
C LEU C 177 1.72 -15.43 8.09
N LEU C 178 2.03 -14.88 9.27
CA LEU C 178 2.84 -13.66 9.38
C LEU C 178 4.32 -13.89 9.10
N ARG C 179 5.07 -12.78 9.01
CA ARG C 179 6.49 -12.86 8.77
C ARG C 179 7.27 -13.23 10.02
N ILE C 180 8.58 -13.31 9.86
CA ILE C 180 9.46 -13.69 10.94
C ILE C 180 9.75 -12.46 11.74
N ALA C 181 9.91 -11.35 11.04
CA ALA C 181 10.22 -10.09 11.68
C ALA C 181 8.93 -9.52 12.26
N GLU C 182 7.82 -10.23 12.09
CA GLU C 182 6.54 -9.75 12.59
C GLU C 182 5.92 -10.56 13.73
N ILE C 183 6.46 -11.74 13.99
CA ILE C 183 5.96 -12.58 15.08
C ILE C 183 6.80 -12.25 16.31
N ALA C 184 7.91 -11.57 16.03
CA ALA C 184 8.82 -11.12 17.07
C ALA C 184 8.31 -9.80 17.66
N ARG C 185 8.16 -8.82 16.79
CA ARG C 185 7.66 -7.51 17.20
C ARG C 185 6.40 -7.61 18.04
N ILE C 186 5.70 -8.73 17.92
CA ILE C 186 4.45 -8.90 18.69
C ILE C 186 4.66 -8.79 20.18
N ARG C 187 3.68 -8.22 20.86
CA ARG C 187 3.75 -8.09 22.30
C ARG C 187 2.64 -8.93 22.92
N VAL C 188 2.33 -8.73 24.19
CA VAL C 188 1.34 -9.57 24.87
C VAL C 188 -0.16 -9.23 24.81
N LYS C 189 -0.52 -7.99 25.13
CA LYS C 189 -1.94 -7.61 25.17
C LYS C 189 -2.64 -7.73 23.83
N ASP C 190 -1.87 -7.93 22.76
CA ASP C 190 -2.43 -8.11 21.42
C ASP C 190 -3.15 -9.45 21.34
N ILE C 191 -3.62 -9.93 22.48
CA ILE C 191 -4.31 -11.21 22.54
C ILE C 191 -5.51 -11.14 23.48
N SER C 192 -6.70 -11.31 22.92
CA SER C 192 -7.93 -11.30 23.70
C SER C 192 -8.60 -12.66 23.53
N ARG C 193 -9.73 -12.84 24.22
CA ARG C 193 -10.51 -14.07 24.14
C ARG C 193 -11.72 -13.78 23.27
N THR C 194 -12.14 -12.51 23.32
CA THR C 194 -13.29 -11.97 22.59
C THR C 194 -13.86 -12.93 21.60
N ASP C 195 -12.98 -13.46 20.75
CA ASP C 195 -13.38 -14.45 19.74
C ASP C 195 -14.49 -15.30 20.34
N GLY C 196 -14.36 -15.62 21.62
CA GLY C 196 -15.33 -16.44 22.31
C GLY C 196 -14.64 -17.68 22.87
N GLY C 197 -14.31 -17.65 24.17
CA GLY C 197 -13.61 -18.77 24.76
C GLY C 197 -12.57 -19.34 23.76
N ARG C 198 -11.85 -18.44 23.09
CA ARG C 198 -10.87 -18.79 22.05
C ARG C 198 -9.96 -17.57 21.88
N MET C 199 -8.86 -17.71 21.13
CA MET C 199 -7.94 -16.57 20.99
C MET C 199 -7.93 -15.84 19.66
N LEU C 200 -7.66 -14.54 19.76
CA LEU C 200 -7.51 -13.64 18.64
C LEU C 200 -6.27 -12.83 18.98
N ILE C 201 -5.31 -12.77 18.07
CA ILE C 201 -4.13 -11.95 18.30
C ILE C 201 -4.20 -10.69 17.48
N HIS C 202 -4.05 -9.54 18.12
CA HIS C 202 -4.09 -8.30 17.38
C HIS C 202 -2.66 -7.93 16.86
N ILE C 203 -2.57 -7.41 15.62
CA ILE C 203 -1.29 -7.20 14.93
C ILE C 203 -1.09 -5.82 14.19
N GLY C 204 0.02 -5.70 13.47
CA GLY C 204 0.40 -4.56 12.62
C GLY C 204 1.34 -5.10 11.55
N ARG C 205 1.09 -4.83 10.27
CA ARG C 205 1.85 -5.43 9.18
C ARG C 205 2.10 -4.62 7.90
N THR C 206 2.09 -3.30 8.00
CA THR C 206 2.31 -2.50 6.79
C THR C 206 3.50 -1.55 6.90
N LYS C 207 3.56 -0.58 5.98
CA LYS C 207 4.64 0.41 5.95
C LYS C 207 4.53 1.20 4.66
N THR C 208 3.36 1.75 4.40
CA THR C 208 3.16 2.58 3.23
C THR C 208 2.45 3.82 3.77
N LEU C 209 1.53 4.33 2.97
CA LEU C 209 0.75 5.49 3.37
C LEU C 209 -0.67 4.99 3.19
N VAL C 210 -1.08 4.80 1.94
CA VAL C 210 -2.40 4.28 1.65
C VAL C 210 -2.55 2.92 2.30
N SER C 211 -1.42 2.24 2.51
CA SER C 211 -1.45 0.91 3.10
C SER C 211 -2.32 0.72 4.34
N THR C 212 -1.74 0.19 5.42
CA THR C 212 -2.55 -0.10 6.58
C THR C 212 -1.95 0.22 7.94
N ALA C 213 -2.67 -0.22 8.97
CA ALA C 213 -2.27 -0.06 10.37
C ALA C 213 -2.12 -1.43 11.03
N GLY C 214 -3.22 -2.20 11.10
CA GLY C 214 -3.24 -3.50 11.77
C GLY C 214 -4.26 -4.50 11.28
N VAL C 215 -4.22 -5.71 11.83
CA VAL C 215 -5.12 -6.82 11.46
C VAL C 215 -5.59 -7.60 12.75
N GLU C 216 -6.38 -8.67 12.61
CA GLU C 216 -6.92 -9.41 13.77
C GLU C 216 -6.86 -10.95 13.65
N LYS C 217 -5.67 -11.55 13.73
CA LYS C 217 -5.53 -13.01 13.57
C LYS C 217 -6.10 -13.91 14.68
N ALA C 218 -6.73 -15.02 14.30
CA ALA C 218 -7.28 -15.96 15.30
C ALA C 218 -6.61 -17.35 15.16
N LEU C 219 -6.95 -18.24 16.08
CA LEU C 219 -6.38 -19.58 16.10
C LEU C 219 -7.33 -20.69 16.61
N SER C 220 -7.04 -21.92 16.25
CA SER C 220 -7.89 -23.04 16.64
C SER C 220 -7.73 -23.24 18.12
N LEU C 221 -8.35 -24.29 18.66
CA LEU C 221 -8.06 -24.64 20.05
C LEU C 221 -6.76 -25.44 20.03
N GLY C 222 -5.85 -24.90 19.23
CA GLY C 222 -4.49 -25.36 19.08
C GLY C 222 -3.62 -24.10 19.16
N VAL C 223 -3.39 -23.45 18.02
CA VAL C 223 -2.54 -22.27 17.97
C VAL C 223 -2.73 -21.27 19.13
N THR C 224 -3.97 -21.12 19.58
CA THR C 224 -4.30 -20.19 20.66
C THR C 224 -3.98 -20.85 22.01
N LYS C 225 -4.45 -22.08 22.18
CA LYS C 225 -4.21 -22.84 23.42
C LYS C 225 -2.76 -23.29 23.59
N LEU C 226 -2.12 -23.67 22.49
CA LEU C 226 -0.71 -24.07 22.55
C LEU C 226 0.01 -22.89 23.17
N VAL C 227 -0.37 -21.70 22.72
CA VAL C 227 0.20 -20.46 23.22
C VAL C 227 -0.05 -20.33 24.72
N GLU C 228 -1.26 -20.66 25.14
CA GLU C 228 -1.61 -20.59 26.56
C GLU C 228 -0.47 -21.16 27.37
N ARG C 229 -0.12 -22.40 27.08
CA ARG C 229 0.97 -23.07 27.76
C ARG C 229 2.18 -22.15 27.81
N TRP C 230 2.54 -21.54 26.69
CA TRP C 230 3.65 -20.61 26.66
C TRP C 230 3.35 -19.51 27.66
N ILE C 231 2.11 -19.02 27.61
CA ILE C 231 1.66 -17.98 28.52
C ILE C 231 1.80 -18.44 29.97
N SER C 232 1.48 -19.70 30.22
CA SER C 232 1.56 -20.23 31.57
C SER C 232 2.99 -20.46 32.02
N VAL C 233 3.84 -20.94 31.11
CA VAL C 233 5.21 -21.28 31.50
C VAL C 233 6.30 -20.27 31.17
N SER C 234 5.95 -19.12 30.65
CA SER C 234 6.97 -18.12 30.32
C SER C 234 6.89 -16.85 31.16
N GLY C 235 5.71 -16.55 31.67
CA GLY C 235 5.52 -15.36 32.48
C GLY C 235 4.25 -14.64 32.11
N VAL C 236 4.07 -14.35 30.84
CA VAL C 236 2.92 -13.61 30.31
C VAL C 236 3.22 -12.11 30.37
N ALA C 237 2.29 -11.29 29.92
CA ALA C 237 2.49 -9.87 29.92
C ALA C 237 2.48 -9.28 31.32
N ASP C 238 3.41 -9.72 32.17
CA ASP C 238 3.46 -9.10 33.48
C ASP C 238 3.67 -7.62 33.20
N ASP C 239 4.47 -7.33 32.18
CA ASP C 239 4.65 -5.99 31.67
C ASP C 239 4.56 -6.04 30.14
N PRO C 240 3.37 -5.79 29.63
CA PRO C 240 3.05 -5.83 28.20
C PRO C 240 4.03 -5.21 27.23
N ASN C 241 5.06 -4.54 27.73
CA ASN C 241 6.10 -4.12 26.80
C ASN C 241 6.53 -5.52 26.33
N ASN C 242 6.45 -6.47 27.27
CA ASN C 242 6.75 -7.89 27.06
C ASN C 242 6.37 -8.40 25.68
N TYR C 243 7.37 -8.63 24.85
CA TYR C 243 7.10 -9.22 23.56
C TYR C 243 6.55 -10.61 23.89
N LEU C 244 5.75 -11.18 23.00
CA LEU C 244 5.16 -12.49 23.24
C LEU C 244 6.23 -13.56 23.49
N PHE C 245 7.15 -13.69 22.54
CA PHE C 245 8.20 -14.69 22.65
C PHE C 245 9.47 -14.12 23.28
N CYS C 246 10.24 -14.99 23.93
CA CYS C 246 11.48 -14.60 24.57
C CYS C 246 12.44 -15.78 24.60
N ARG C 247 13.67 -15.52 25.01
CA ARG C 247 14.67 -16.57 25.12
C ARG C 247 14.31 -17.48 26.29
N VAL C 248 14.77 -18.71 26.21
CA VAL C 248 14.61 -19.66 27.30
C VAL C 248 16.00 -20.25 27.46
N ARG C 249 16.67 -19.89 28.56
CA ARG C 249 18.04 -20.32 28.79
C ARG C 249 18.21 -21.82 28.99
N LYS C 250 19.46 -22.25 29.04
CA LYS C 250 19.82 -23.65 29.19
C LYS C 250 19.15 -24.31 30.41
N ASN C 251 18.74 -23.49 31.36
CA ASN C 251 18.09 -23.98 32.56
C ASN C 251 16.59 -24.14 32.33
N GLY C 252 16.18 -24.02 31.06
CA GLY C 252 14.78 -24.11 30.70
C GLY C 252 14.00 -22.97 31.34
N VAL C 253 14.67 -21.84 31.55
CA VAL C 253 14.03 -20.69 32.17
C VAL C 253 13.91 -19.54 31.18
N ALA C 254 12.73 -18.92 31.15
CA ALA C 254 12.48 -17.83 30.23
C ALA C 254 13.01 -16.53 30.78
N ALA C 255 13.07 -15.52 29.91
CA ALA C 255 13.50 -14.19 30.30
C ALA C 255 12.52 -13.20 29.68
N PRO C 256 11.27 -13.25 30.12
CA PRO C 256 10.23 -12.34 29.62
C PRO C 256 10.85 -10.97 29.45
N SER C 257 10.66 -10.38 28.28
CA SER C 257 11.29 -9.11 27.98
C SER C 257 10.28 -8.19 27.32
N ALA C 258 10.05 -7.12 28.06
CA ALA C 258 9.17 -6.01 27.71
C ALA C 258 9.88 -5.10 26.62
N THR C 259 11.18 -5.17 26.57
CA THR C 259 11.94 -4.29 25.66
C THR C 259 12.77 -4.97 24.58
N SER C 260 13.22 -6.20 24.82
CA SER C 260 14.06 -6.89 23.83
C SER C 260 13.31 -7.77 22.86
N GLN C 261 13.77 -7.79 21.60
CA GLN C 261 13.15 -8.60 20.55
C GLN C 261 13.88 -9.92 20.41
N LEU C 262 13.14 -11.00 20.19
CA LEU C 262 13.78 -12.27 19.94
C LEU C 262 14.37 -12.12 18.56
N SER C 263 15.68 -12.33 18.42
CA SER C 263 16.33 -12.17 17.14
C SER C 263 15.69 -13.02 16.04
N THR C 264 15.85 -12.59 14.80
CA THR C 264 15.28 -13.30 13.66
C THR C 264 16.07 -14.57 13.40
N ARG C 265 17.24 -14.66 14.02
CA ARG C 265 18.08 -15.84 13.92
C ARG C 265 17.43 -16.92 14.78
N ALA C 266 17.14 -16.53 16.02
CA ALA C 266 16.50 -17.41 16.98
C ALA C 266 15.17 -17.95 16.44
N LEU C 267 14.36 -17.05 15.89
CA LEU C 267 13.05 -17.40 15.34
C LEU C 267 13.18 -18.32 14.14
N GLU C 268 14.16 -18.02 13.28
CA GLU C 268 14.40 -18.84 12.11
C GLU C 268 14.95 -20.18 12.57
N GLY C 269 15.79 -20.15 13.59
CA GLY C 269 16.40 -21.37 14.13
C GLY C 269 15.39 -22.41 14.64
N ILE C 270 14.27 -21.93 15.15
CA ILE C 270 13.23 -22.81 15.67
C ILE C 270 12.72 -23.69 14.54
N PHE C 271 12.69 -23.10 13.35
CA PHE C 271 12.27 -23.82 12.16
C PHE C 271 13.37 -24.78 11.76
N GLU C 272 14.62 -24.38 12.02
CA GLU C 272 15.77 -25.19 11.66
C GLU C 272 16.09 -26.27 12.69
N ALA C 273 16.08 -25.91 13.96
CA ALA C 273 16.38 -26.89 15.00
C ALA C 273 15.30 -27.97 14.96
N THR C 274 14.08 -27.55 14.66
CA THR C 274 12.92 -28.45 14.60
C THR C 274 13.00 -29.49 13.49
N HIS C 275 13.55 -29.07 12.35
CA HIS C 275 13.72 -29.98 11.21
C HIS C 275 14.87 -30.94 11.53
N ARG C 276 15.80 -30.48 12.35
CA ARG C 276 16.94 -31.28 12.76
C ARG C 276 16.50 -32.30 13.81
N LEU C 277 15.57 -31.90 14.67
CA LEU C 277 15.12 -32.85 15.67
C LEU C 277 14.57 -34.03 14.89
N ILE C 278 13.79 -33.71 13.85
CA ILE C 278 13.15 -34.72 13.02
C ILE C 278 14.04 -35.50 12.05
N TYR C 279 14.58 -34.83 11.04
CA TYR C 279 15.42 -35.50 10.06
C TYR C 279 16.89 -35.44 10.47
N GLY C 280 17.21 -34.53 11.38
CA GLY C 280 18.56 -34.40 11.89
C GLY C 280 19.59 -34.08 10.83
N ALA C 281 20.85 -33.82 11.26
CA ALA C 281 22.01 -33.52 10.36
C ALA C 281 21.80 -32.34 9.38
N LYS C 282 20.60 -31.76 9.43
CA LYS C 282 20.16 -30.64 8.58
C LYS C 282 20.30 -30.88 7.05
N ASP C 283 21.04 -31.92 6.56
CA ASP C 283 21.17 -32.26 5.10
C ASP C 283 22.38 -31.63 4.38
N ASP C 284 23.23 -32.46 3.75
CA ASP C 284 24.46 -31.99 3.11
C ASP C 284 24.48 -31.67 1.60
N SER C 285 25.59 -31.04 1.15
CA SER C 285 25.80 -30.64 -0.25
C SER C 285 26.44 -29.30 -0.29
N GLY C 286 25.95 -28.39 0.55
CA GLY C 286 26.45 -27.04 0.63
C GLY C 286 25.41 -26.02 0.19
N GLN C 287 24.27 -26.53 -0.25
CA GLN C 287 23.20 -25.72 -0.79
C GLN C 287 22.15 -24.99 0.06
N ARG C 288 21.31 -24.21 -0.64
CA ARG C 288 20.25 -23.43 0.00
C ARG C 288 19.01 -24.28 0.27
N TYR C 289 18.29 -23.97 1.34
CA TYR C 289 17.08 -24.72 1.72
C TYR C 289 17.19 -26.23 1.80
N LEU C 290 17.88 -26.71 2.82
CA LEU C 290 17.98 -28.15 3.08
C LEU C 290 17.01 -28.52 4.21
N ALA C 291 16.62 -27.46 4.96
CA ALA C 291 15.67 -27.68 6.07
C ALA C 291 14.53 -26.65 5.96
N TRP C 292 13.89 -26.32 7.10
CA TRP C 292 12.85 -25.30 7.10
C TRP C 292 13.45 -23.94 7.43
N SER C 293 12.88 -22.88 6.85
CA SER C 293 13.35 -21.52 7.10
C SER C 293 12.20 -20.67 7.59
N GLY C 294 12.46 -19.39 7.82
CA GLY C 294 11.44 -18.46 8.29
C GLY C 294 10.14 -18.48 7.47
N HIS C 295 10.26 -18.57 6.14
CA HIS C 295 9.11 -18.54 5.24
C HIS C 295 8.43 -19.91 5.02
N SER C 296 9.15 -20.98 5.34
CA SER C 296 8.61 -22.32 5.24
C SER C 296 7.14 -22.42 5.59
N ALA C 297 6.76 -21.90 6.75
CA ALA C 297 5.39 -21.97 7.23
C ALA C 297 4.31 -21.27 6.38
N ARG C 298 4.68 -20.15 5.76
CA ARG C 298 3.75 -19.41 4.93
C ARG C 298 3.48 -20.17 3.63
N VAL C 299 4.53 -20.78 3.10
CA VAL C 299 4.42 -21.55 1.87
C VAL C 299 3.51 -22.73 2.12
N GLY C 300 3.59 -23.27 3.34
CA GLY C 300 2.81 -24.45 3.73
C GLY C 300 1.34 -24.17 3.89
N ALA C 301 1.02 -22.98 4.39
CA ALA C 301 -0.36 -22.60 4.61
C ALA C 301 -0.99 -22.31 3.25
N ALA C 302 -0.18 -21.79 2.33
CA ALA C 302 -0.65 -21.47 0.99
C ALA C 302 -0.99 -22.71 0.18
N ARG C 303 -0.01 -23.60 0.04
CA ARG C 303 -0.20 -24.84 -0.70
C ARG C 303 -1.37 -25.60 -0.09
N ASP C 304 -1.50 -25.48 1.22
CA ASP C 304 -2.58 -26.12 1.96
C ASP C 304 -3.90 -25.39 1.69
N MET C 305 -3.83 -24.07 1.71
CA MET C 305 -4.98 -23.22 1.47
C MET C 305 -5.42 -23.38 0.02
N ALA C 306 -4.56 -24.04 -0.75
CA ALA C 306 -4.84 -24.28 -2.15
C ALA C 306 -5.57 -25.60 -2.35
N ARG C 307 -5.16 -26.62 -1.60
CA ARG C 307 -5.79 -27.92 -1.72
C ARG C 307 -7.20 -27.98 -1.12
N ALA C 308 -7.48 -27.11 -0.16
CA ALA C 308 -8.79 -27.09 0.49
C ALA C 308 -9.79 -26.38 -0.39
N GLY C 309 -9.32 -25.68 -1.39
CA GLY C 309 -10.28 -25.00 -2.22
C GLY C 309 -10.30 -23.51 -1.93
N VAL C 310 -9.14 -22.87 -1.85
CA VAL C 310 -9.18 -21.45 -1.45
C VAL C 310 -9.09 -20.34 -2.48
N SER C 311 -10.05 -19.42 -2.42
CA SER C 311 -10.11 -18.30 -3.34
C SER C 311 -8.91 -17.39 -3.09
N ILE C 312 -8.49 -16.66 -4.13
CA ILE C 312 -7.38 -15.72 -3.98
C ILE C 312 -7.69 -14.58 -3.02
N PRO C 313 -8.94 -14.14 -2.97
CA PRO C 313 -9.30 -13.12 -2.01
C PRO C 313 -8.77 -13.67 -0.71
N GLU C 314 -8.95 -14.97 -0.55
CA GLU C 314 -8.54 -15.65 0.67
C GLU C 314 -7.04 -15.91 0.76
N ILE C 315 -6.41 -16.33 -0.32
CA ILE C 315 -5.00 -16.66 -0.23
C ILE C 315 -4.10 -15.45 -0.05
N MET C 316 -4.36 -14.42 -0.84
CA MET C 316 -3.60 -13.18 -0.77
C MET C 316 -3.75 -12.55 0.62
N GLN C 317 -5.00 -12.46 1.06
CA GLN C 317 -5.34 -11.87 2.34
C GLN C 317 -4.58 -12.50 3.49
N ALA C 318 -4.53 -13.83 3.48
CA ALA C 318 -3.88 -14.58 4.54
C ALA C 318 -2.39 -14.32 4.72
N GLY C 319 -1.67 -14.19 3.62
CA GLY C 319 -0.23 -13.96 3.68
C GLY C 319 0.14 -12.51 3.47
N GLY C 320 -0.87 -11.65 3.40
CA GLY C 320 -0.66 -10.22 3.20
C GLY C 320 0.14 -9.95 1.93
N TRP C 321 -0.10 -10.77 0.90
CA TRP C 321 0.58 -10.65 -0.38
C TRP C 321 -0.16 -9.69 -1.32
N THR C 322 0.48 -8.59 -1.68
CA THR C 322 -0.10 -7.57 -2.55
C THR C 322 -0.27 -8.07 -3.97
N ASN C 323 0.42 -9.15 -4.32
CA ASN C 323 0.34 -9.68 -5.69
C ASN C 323 0.09 -11.18 -5.77
N VAL C 324 -0.11 -11.68 -6.98
CA VAL C 324 -0.43 -13.09 -7.20
C VAL C 324 0.72 -13.88 -7.78
N ASN C 325 1.75 -13.17 -8.23
CA ASN C 325 2.91 -13.80 -8.84
C ASN C 325 3.65 -14.73 -7.89
N ILE C 326 3.84 -14.25 -6.67
CA ILE C 326 4.57 -14.97 -5.62
C ILE C 326 3.80 -16.17 -5.07
N VAL C 327 2.52 -15.95 -4.77
CA VAL C 327 1.71 -17.02 -4.24
C VAL C 327 1.69 -18.24 -5.14
N MET C 328 1.44 -18.00 -6.43
CA MET C 328 1.34 -19.07 -7.41
C MET C 328 2.62 -19.88 -7.51
N ASN C 329 3.76 -19.21 -7.37
CA ASN C 329 5.04 -19.89 -7.44
C ASN C 329 5.07 -20.95 -6.33
N TYR C 330 4.37 -20.65 -5.25
CA TYR C 330 4.30 -21.54 -4.11
C TYR C 330 3.46 -22.79 -4.32
N ILE C 331 2.33 -22.64 -5.02
CA ILE C 331 1.44 -23.79 -5.29
C ILE C 331 1.64 -24.37 -6.67
N ARG C 332 2.72 -23.98 -7.36
CA ARG C 332 2.99 -24.39 -8.72
C ARG C 332 2.88 -25.89 -9.00
N ASN C 333 3.46 -26.70 -8.13
CA ASN C 333 3.47 -28.15 -8.33
C ASN C 333 2.27 -28.81 -7.67
N LEU C 334 1.10 -28.17 -7.80
CA LEU C 334 -0.13 -28.69 -7.20
C LEU C 334 -1.13 -29.17 -8.25
N ASP C 335 -1.48 -30.45 -8.17
CA ASP C 335 -2.45 -31.05 -9.09
C ASP C 335 -3.63 -30.11 -9.33
N SER C 336 -3.90 -29.25 -8.36
CA SER C 336 -4.99 -28.30 -8.47
C SER C 336 -4.63 -27.15 -9.41
N GLU C 337 -3.35 -27.06 -9.76
CA GLU C 337 -2.86 -25.98 -10.63
C GLU C 337 -2.34 -26.47 -11.97
N THR C 338 -2.64 -27.72 -12.31
CA THR C 338 -2.16 -28.35 -13.54
C THR C 338 -2.32 -27.56 -14.84
N GLY C 339 -3.49 -26.93 -15.03
CA GLY C 339 -3.71 -26.14 -16.25
C GLY C 339 -4.91 -26.58 -17.09
N ALA C 340 -5.27 -25.73 -18.04
CA ALA C 340 -6.41 -26.00 -18.92
C ALA C 340 -6.18 -27.20 -19.83
N MET C 341 -4.95 -27.35 -20.33
CA MET C 341 -4.59 -28.42 -21.24
C MET C 341 -4.82 -29.80 -20.61
N VAL C 342 -4.25 -30.00 -19.43
CA VAL C 342 -4.40 -31.26 -18.71
C VAL C 342 -5.87 -31.52 -18.49
N ARG C 343 -6.63 -30.45 -18.28
CA ARG C 343 -8.07 -30.56 -18.08
C ARG C 343 -8.76 -31.00 -19.37
N LEU C 344 -8.34 -30.43 -20.49
CA LEU C 344 -8.91 -30.76 -21.79
C LEU C 344 -8.55 -32.20 -22.18
N LEU C 345 -7.31 -32.58 -21.93
CA LEU C 345 -6.83 -33.92 -22.27
C LEU C 345 -7.48 -35.04 -21.45
N GLU C 346 -7.95 -34.66 -20.26
CA GLU C 346 -8.59 -35.62 -19.34
C GLU C 346 -10.12 -35.57 -19.37
N ASP C 347 -10.67 -34.75 -20.28
CA ASP C 347 -12.12 -34.63 -20.42
C ASP C 347 -12.88 -35.74 -19.70
N SER D 26 17.13 33.02 -18.40
CA SER D 26 16.24 33.88 -17.63
C SER D 26 15.11 34.40 -18.52
N ASP D 27 15.49 34.94 -19.67
CA ASP D 27 14.51 35.44 -20.62
C ASP D 27 13.72 34.27 -21.19
N GLU D 28 14.41 33.17 -21.41
CA GLU D 28 13.78 31.97 -21.93
C GLU D 28 12.92 31.38 -20.82
N VAL D 29 13.21 31.76 -19.58
CA VAL D 29 12.46 31.25 -18.43
C VAL D 29 11.23 32.12 -18.17
N ARG D 30 11.35 33.44 -18.43
CA ARG D 30 10.22 34.33 -18.24
C ARG D 30 9.15 34.12 -19.30
N LYS D 31 9.58 33.58 -20.45
CA LYS D 31 8.68 33.30 -21.56
C LYS D 31 7.96 32.00 -21.33
N ASN D 32 8.69 31.02 -20.82
CA ASN D 32 8.14 29.70 -20.52
C ASN D 32 7.06 29.82 -19.45
N LEU D 33 7.28 30.68 -18.45
CA LEU D 33 6.28 30.86 -17.40
C LEU D 33 5.09 31.64 -17.95
N MET D 34 5.35 32.46 -18.97
CA MET D 34 4.31 33.28 -19.59
C MET D 34 3.47 32.40 -20.50
N ASP D 35 4.11 31.41 -21.11
CA ASP D 35 3.41 30.51 -22.00
C ASP D 35 2.51 29.58 -21.16
N MET D 36 2.90 29.36 -19.92
CA MET D 36 2.14 28.48 -19.03
C MET D 36 0.89 29.20 -18.56
N PHE D 37 1.07 30.44 -18.13
CA PHE D 37 -0.05 31.21 -17.63
C PHE D 37 -1.01 31.63 -18.73
N ARG D 38 -0.51 31.69 -19.97
CA ARG D 38 -1.35 32.05 -21.11
C ARG D 38 -2.28 30.89 -21.46
N ASP D 39 -1.78 29.67 -21.31
CA ASP D 39 -2.58 28.48 -21.60
C ASP D 39 -2.90 27.73 -20.31
N ARG D 40 -3.22 28.51 -19.27
CA ARG D 40 -3.59 28.01 -17.94
C ARG D 40 -4.59 26.88 -18.04
N GLN D 41 -5.65 27.11 -18.81
CA GLN D 41 -6.76 26.19 -18.96
C GLN D 41 -6.40 24.79 -19.47
N ALA D 42 -5.12 24.55 -19.70
CA ALA D 42 -4.67 23.24 -20.13
C ALA D 42 -4.61 22.42 -18.86
N PHE D 43 -4.66 23.09 -17.72
CA PHE D 43 -4.61 22.45 -16.42
C PHE D 43 -5.90 22.69 -15.65
N SER D 44 -6.20 21.79 -14.71
CA SER D 44 -7.38 21.91 -13.87
C SER D 44 -7.28 23.17 -13.02
N GLU D 45 -8.43 23.72 -12.66
CA GLU D 45 -8.48 24.91 -11.83
C GLU D 45 -7.88 24.64 -10.45
N HIS D 46 -7.94 23.39 -10.00
CA HIS D 46 -7.40 23.01 -8.70
C HIS D 46 -5.89 22.94 -8.71
N THR D 47 -5.33 22.71 -9.91
CA THR D 47 -3.89 22.64 -10.09
C THR D 47 -3.29 24.03 -9.90
N TRP D 48 -3.93 25.04 -10.49
CA TRP D 48 -3.49 26.41 -10.33
C TRP D 48 -3.68 26.86 -8.90
N LYS D 49 -4.82 26.46 -8.34
CA LYS D 49 -5.18 26.82 -6.98
C LYS D 49 -4.12 26.35 -6.01
N MET D 50 -3.67 25.11 -6.20
CA MET D 50 -2.66 24.52 -5.34
C MET D 50 -1.25 24.98 -5.68
N LEU D 51 -1.02 25.28 -6.94
CA LEU D 51 0.27 25.79 -7.36
C LEU D 51 0.48 27.14 -6.68
N LEU D 52 -0.56 27.96 -6.70
CA LEU D 52 -0.54 29.28 -6.07
C LEU D 52 -0.44 29.19 -4.56
N SER D 53 -1.10 28.20 -3.98
CA SER D 53 -1.08 28.02 -2.54
C SER D 53 0.30 27.67 -2.06
N VAL D 54 0.95 26.73 -2.75
CA VAL D 54 2.30 26.31 -2.39
C VAL D 54 3.30 27.46 -2.57
N CYS D 55 3.27 28.11 -3.73
CA CYS D 55 4.15 29.24 -3.99
C CYS D 55 3.97 30.28 -2.88
N ARG D 56 2.74 30.48 -2.46
CA ARG D 56 2.44 31.41 -1.37
C ARG D 56 3.23 30.95 -0.15
N SER D 57 2.96 29.74 0.30
CA SER D 57 3.58 29.14 1.48
C SER D 57 5.12 29.20 1.39
N TRP D 58 5.64 28.77 0.25
CA TRP D 58 7.08 28.75 0.02
C TRP D 58 7.68 30.16 0.07
N ALA D 59 7.08 31.10 -0.67
CA ALA D 59 7.54 32.48 -0.71
C ALA D 59 7.54 33.13 0.68
N ALA D 60 6.52 32.81 1.46
CA ALA D 60 6.40 33.35 2.81
C ALA D 60 7.55 32.83 3.67
N TRP D 61 7.86 31.54 3.51
CA TRP D 61 8.95 30.91 4.25
C TRP D 61 10.29 31.52 3.84
N CYS D 62 10.45 31.78 2.55
CA CYS D 62 11.69 32.36 2.05
C CYS D 62 11.89 33.74 2.64
N LYS D 63 10.87 34.58 2.52
CA LYS D 63 10.92 35.93 3.05
C LYS D 63 11.39 35.91 4.50
N LEU D 64 10.67 35.18 5.34
CA LEU D 64 10.99 35.08 6.76
C LEU D 64 12.41 34.62 7.04
N ASN D 65 13.05 34.03 6.03
CA ASN D 65 14.39 33.50 6.19
C ASN D 65 15.41 34.21 5.32
N ASN D 66 14.99 35.24 4.60
CA ASN D 66 15.91 35.96 3.74
C ASN D 66 16.44 35.09 2.59
N ARG D 67 15.55 34.35 1.93
CA ARG D 67 15.92 33.48 0.82
C ARG D 67 15.18 33.81 -0.49
N LYS D 68 15.84 33.49 -1.60
CA LYS D 68 15.28 33.73 -2.91
C LYS D 68 14.33 32.59 -3.26
N TRP D 69 13.06 32.92 -3.41
CA TRP D 69 12.03 31.92 -3.68
C TRP D 69 12.09 31.31 -5.08
N PHE D 70 12.76 31.98 -6.02
CA PHE D 70 12.87 31.46 -7.39
C PHE D 70 13.99 32.11 -8.19
N PRO D 71 14.85 31.30 -8.82
CA PRO D 71 14.73 29.84 -8.74
C PRO D 71 15.06 29.33 -7.36
N ALA D 72 14.41 28.23 -6.99
CA ALA D 72 14.58 27.64 -5.66
C ALA D 72 15.92 26.95 -5.51
N GLU D 73 16.57 27.16 -4.37
CA GLU D 73 17.84 26.49 -4.08
C GLU D 73 17.52 25.19 -3.35
N PRO D 74 18.09 24.10 -3.83
CA PRO D 74 17.82 22.78 -3.26
C PRO D 74 17.94 22.70 -1.74
N GLU D 75 18.95 23.35 -1.19
CA GLU D 75 19.15 23.36 0.25
C GLU D 75 18.03 24.10 0.97
N ASP D 76 17.50 25.13 0.30
CA ASP D 76 16.41 25.91 0.85
C ASP D 76 15.12 25.10 0.78
N VAL D 77 14.95 24.39 -0.34
CA VAL D 77 13.77 23.54 -0.51
C VAL D 77 13.79 22.46 0.56
N ARG D 78 14.95 21.86 0.77
CA ARG D 78 15.10 20.83 1.79
C ARG D 78 14.69 21.35 3.16
N ASP D 79 15.10 22.57 3.48
CA ASP D 79 14.77 23.18 4.77
C ASP D 79 13.28 23.45 4.89
N TYR D 80 12.65 23.78 3.76
CA TYR D 80 11.22 24.07 3.76
C TYR D 80 10.44 22.80 4.02
N LEU D 81 10.84 21.71 3.36
CA LEU D 81 10.20 20.42 3.54
C LEU D 81 10.31 19.95 4.99
N LEU D 82 11.51 20.03 5.56
CA LEU D 82 11.73 19.66 6.96
C LEU D 82 10.90 20.57 7.86
N TYR D 83 10.69 21.79 7.40
CA TYR D 83 9.91 22.78 8.12
C TYR D 83 8.43 22.39 8.11
N LEU D 84 7.94 21.90 6.96
CA LEU D 84 6.56 21.48 6.84
C LEU D 84 6.35 20.24 7.72
N GLN D 85 7.32 19.34 7.68
CA GLN D 85 7.28 18.13 8.48
C GLN D 85 7.19 18.47 9.97
N ALA D 86 8.04 19.40 10.40
CA ALA D 86 8.06 19.82 11.80
C ALA D 86 6.77 20.51 12.16
N ARG D 87 6.09 21.06 11.15
CA ARG D 87 4.81 21.75 11.34
C ARG D 87 3.76 20.70 11.62
N GLY D 88 4.11 19.44 11.35
CA GLY D 88 3.22 18.32 11.56
C GLY D 88 2.28 18.09 10.39
N LEU D 89 2.69 18.49 9.20
CA LEU D 89 1.86 18.29 8.03
C LEU D 89 1.97 16.85 7.55
N ALA D 90 0.98 16.40 6.79
CA ALA D 90 0.95 15.03 6.26
C ALA D 90 1.98 14.82 5.17
N VAL D 91 2.44 13.58 5.01
CA VAL D 91 3.42 13.25 3.98
C VAL D 91 2.91 13.64 2.59
N LYS D 92 1.64 13.38 2.32
CA LYS D 92 1.04 13.72 1.04
C LYS D 92 0.99 15.23 0.85
N THR D 93 0.85 15.96 1.96
CA THR D 93 0.82 17.40 1.90
C THR D 93 2.21 17.93 1.53
N ILE D 94 3.24 17.35 2.16
CA ILE D 94 4.60 17.74 1.91
C ILE D 94 4.99 17.38 0.49
N GLN D 95 4.45 16.27 0.00
CA GLN D 95 4.72 15.87 -1.38
C GLN D 95 4.03 16.82 -2.35
N GLN D 96 2.90 17.38 -1.95
CA GLN D 96 2.15 18.33 -2.77
C GLN D 96 2.97 19.61 -2.96
N HIS D 97 3.58 20.07 -1.88
CA HIS D 97 4.42 21.27 -1.93
C HIS D 97 5.60 21.04 -2.86
N LEU D 98 6.31 19.93 -2.63
CA LEU D 98 7.44 19.57 -3.47
C LEU D 98 7.03 19.44 -4.94
N GLY D 99 5.86 18.84 -5.16
CA GLY D 99 5.34 18.65 -6.50
C GLY D 99 4.99 19.95 -7.21
N GLN D 100 4.41 20.90 -6.48
CA GLN D 100 4.07 22.20 -7.09
C GLN D 100 5.35 22.93 -7.46
N LEU D 101 6.30 22.97 -6.53
CA LEU D 101 7.59 23.61 -6.79
C LEU D 101 8.30 22.92 -7.96
N ASN D 102 8.20 21.60 -8.01
CA ASN D 102 8.80 20.81 -9.08
C ASN D 102 8.22 21.14 -10.44
N MET D 103 6.91 21.36 -10.49
CA MET D 103 6.26 21.70 -11.75
C MET D 103 6.59 23.12 -12.16
N LEU D 104 6.61 24.02 -11.18
CA LEU D 104 6.96 25.42 -11.43
C LEU D 104 8.32 25.50 -12.13
N HIS D 105 9.27 24.76 -11.61
CA HIS D 105 10.61 24.73 -12.18
C HIS D 105 10.63 24.03 -13.53
N ARG D 106 10.20 22.76 -13.54
CA ARG D 106 10.19 22.00 -14.76
C ARG D 106 9.56 22.73 -15.92
N ARG D 107 8.41 23.35 -15.66
CA ARG D 107 7.68 24.07 -16.71
C ARG D 107 8.29 25.41 -17.03
N SER D 108 9.22 25.86 -16.21
CA SER D 108 9.89 27.13 -16.47
C SER D 108 11.06 26.83 -17.39
N GLY D 109 11.46 25.57 -17.38
CA GLY D 109 12.58 25.09 -18.18
C GLY D 109 13.80 24.88 -17.28
N LEU D 110 13.61 25.11 -15.98
CA LEU D 110 14.69 24.95 -15.01
C LEU D 110 14.68 23.55 -14.40
N PRO D 111 15.76 23.20 -13.73
CA PRO D 111 15.87 21.87 -13.12
C PRO D 111 14.95 21.82 -11.90
N ARG D 112 14.38 20.64 -11.65
CA ARG D 112 13.47 20.48 -10.52
C ARG D 112 14.26 20.34 -9.23
N PRO D 113 13.69 20.82 -8.14
CA PRO D 113 14.36 20.71 -6.85
C PRO D 113 14.64 19.23 -6.54
N SER D 114 13.75 18.40 -7.06
CA SER D 114 13.87 16.99 -6.85
C SER D 114 14.96 16.36 -7.71
N ASP D 115 15.59 17.14 -8.59
CA ASP D 115 16.68 16.61 -9.43
C ASP D 115 17.99 16.69 -8.64
N SER D 116 17.90 17.24 -7.44
CA SER D 116 19.04 17.35 -6.55
C SER D 116 18.91 16.38 -5.37
N ASN D 117 20.03 15.79 -4.99
CA ASN D 117 20.07 14.83 -3.90
C ASN D 117 19.51 15.33 -2.57
N ALA D 118 19.84 16.57 -2.24
CA ALA D 118 19.37 17.15 -0.99
C ALA D 118 17.84 16.99 -0.86
N VAL D 119 17.14 17.31 -1.94
CA VAL D 119 15.68 17.26 -1.99
C VAL D 119 15.13 15.84 -2.11
N SER D 120 15.65 15.08 -3.05
CA SER D 120 15.25 13.69 -3.21
C SER D 120 15.31 12.90 -1.93
N LEU D 121 16.50 12.88 -1.33
CA LEU D 121 16.74 12.11 -0.14
C LEU D 121 15.94 12.57 1.05
N VAL D 122 15.73 13.88 1.16
CA VAL D 122 14.99 14.41 2.31
C VAL D 122 13.52 14.03 2.24
N MET D 123 12.98 13.98 1.03
CA MET D 123 11.59 13.60 0.81
C MET D 123 11.39 12.16 1.33
N ARG D 124 12.24 11.25 0.85
CA ARG D 124 12.21 9.85 1.25
C ARG D 124 12.28 9.73 2.77
N ARG D 125 13.27 10.40 3.34
CA ARG D 125 13.50 10.38 4.77
C ARG D 125 12.29 10.87 5.56
N ILE D 126 11.63 11.90 5.03
CA ILE D 126 10.44 12.44 5.67
C ILE D 126 9.31 11.40 5.59
N ARG D 127 9.20 10.76 4.44
CA ARG D 127 8.24 9.70 4.24
C ARG D 127 8.55 8.59 5.25
N LYS D 128 9.76 8.05 5.16
CA LYS D 128 10.21 6.96 6.02
C LYS D 128 9.99 7.24 7.50
N GLU D 129 10.34 8.43 7.93
CA GLU D 129 10.22 8.80 9.34
C GLU D 129 8.78 8.94 9.82
N ASN D 130 7.97 9.63 9.03
CA ASN D 130 6.57 9.86 9.38
C ASN D 130 5.80 8.54 9.49
N VAL D 131 6.02 7.67 8.50
CA VAL D 131 5.38 6.36 8.47
C VAL D 131 5.89 5.48 9.60
N ASP D 132 7.21 5.35 9.72
CA ASP D 132 7.81 4.54 10.78
C ASP D 132 7.33 5.00 12.15
N ALA D 133 6.64 6.13 12.18
CA ALA D 133 6.06 6.66 13.40
C ALA D 133 4.54 6.44 13.35
N GLY D 134 4.07 5.80 12.29
CA GLY D 134 2.64 5.50 12.18
C GLY D 134 1.89 6.15 11.02
N GLU D 135 1.77 7.48 11.06
CA GLU D 135 1.04 8.23 10.04
C GLU D 135 0.60 7.36 8.89
N ARG D 136 -0.69 7.36 8.59
CA ARG D 136 -1.22 6.59 7.47
C ARG D 136 -2.29 7.38 6.70
N ALA D 137 -2.22 7.35 5.37
CA ALA D 137 -3.17 8.08 4.56
C ALA D 137 -4.58 7.60 4.86
N LYS D 138 -5.45 8.55 5.22
CA LYS D 138 -6.82 8.21 5.57
C LYS D 138 -7.70 8.11 4.34
N GLN D 139 -8.75 7.31 4.47
CA GLN D 139 -9.71 7.12 3.40
C GLN D 139 -11.11 7.33 3.97
N ALA D 140 -11.98 7.95 3.19
CA ALA D 140 -13.33 8.30 3.65
C ALA D 140 -14.18 7.17 4.22
N LEU D 141 -14.97 7.52 5.24
CA LEU D 141 -15.91 6.62 5.89
C LEU D 141 -16.87 6.07 4.84
N ALA D 142 -16.97 4.75 4.78
CA ALA D 142 -17.83 4.08 3.82
C ALA D 142 -19.31 4.41 3.99
N PHE D 143 -19.99 4.59 2.87
CA PHE D 143 -21.43 4.79 2.83
C PHE D 143 -21.89 3.60 2.00
N GLU D 144 -22.35 2.56 2.68
CA GLU D 144 -22.73 1.34 1.97
C GLU D 144 -24.23 1.09 1.80
N ARG D 145 -24.55 -0.03 1.17
CA ARG D 145 -25.93 -0.43 0.90
C ARG D 145 -26.83 -0.37 2.14
N THR D 146 -26.31 -0.85 3.27
CA THR D 146 -27.05 -0.82 4.52
C THR D 146 -27.32 0.64 4.92
N ASP D 147 -26.33 1.49 4.71
CA ASP D 147 -26.46 2.91 5.03
C ASP D 147 -27.47 3.57 4.11
N PHE D 148 -27.40 3.23 2.84
CA PHE D 148 -28.33 3.78 1.87
C PHE D 148 -29.79 3.34 2.15
N ASP D 149 -29.96 2.10 2.57
CA ASP D 149 -31.28 1.55 2.87
C ASP D 149 -31.89 2.19 4.11
N GLN D 150 -31.06 2.38 5.13
CA GLN D 150 -31.51 3.00 6.37
C GLN D 150 -31.88 4.46 6.10
N VAL D 151 -31.02 5.15 5.36
CA VAL D 151 -31.27 6.54 5.01
C VAL D 151 -32.53 6.67 4.17
N ARG D 152 -32.67 5.80 3.19
CA ARG D 152 -33.82 5.81 2.31
C ARG D 152 -35.06 5.48 3.12
N SER D 153 -34.95 4.51 4.04
CA SER D 153 -36.09 4.11 4.84
C SER D 153 -36.66 5.30 5.60
N LEU D 154 -35.78 6.18 6.03
CA LEU D 154 -36.19 7.35 6.79
C LEU D 154 -36.63 8.56 5.97
N MET D 155 -35.84 8.90 4.95
CA MET D 155 -36.10 10.09 4.15
C MET D 155 -37.18 9.90 3.07
N GLU D 156 -37.32 8.68 2.59
CA GLU D 156 -38.32 8.33 1.57
C GLU D 156 -39.66 8.99 1.83
N ASN D 157 -40.05 9.06 3.09
CA ASN D 157 -41.35 9.59 3.46
C ASN D 157 -41.46 11.10 3.52
N SER D 158 -40.35 11.80 3.35
CA SER D 158 -40.38 13.25 3.40
C SER D 158 -40.87 13.85 2.09
N ASP D 159 -41.66 14.91 2.21
CA ASP D 159 -42.20 15.62 1.06
C ASP D 159 -41.39 16.89 0.88
N ARG D 160 -40.42 17.09 1.75
CA ARG D 160 -39.53 18.24 1.67
C ARG D 160 -38.72 18.16 0.38
N CYS D 161 -38.49 19.30 -0.26
CA CYS D 161 -37.74 19.33 -1.50
C CYS D 161 -36.28 18.97 -1.24
N GLN D 162 -35.73 19.51 -0.16
CA GLN D 162 -34.35 19.24 0.23
C GLN D 162 -34.11 17.75 0.40
N ASP D 163 -35.00 17.10 1.15
CA ASP D 163 -34.90 15.67 1.43
C ASP D 163 -34.97 14.85 0.15
N ILE D 164 -35.91 15.22 -0.71
CA ILE D 164 -36.09 14.54 -1.98
C ILE D 164 -34.83 14.67 -2.83
N ARG D 165 -34.25 15.87 -2.83
CA ARG D 165 -33.03 16.13 -3.57
C ARG D 165 -31.91 15.29 -2.99
N ASN D 166 -31.71 15.41 -1.68
CA ASN D 166 -30.64 14.72 -0.96
C ASN D 166 -30.68 13.21 -1.11
N LEU D 167 -31.88 12.65 -1.23
CA LEU D 167 -32.03 11.21 -1.36
C LEU D 167 -31.67 10.78 -2.77
N ALA D 168 -32.03 11.61 -3.74
CA ALA D 168 -31.72 11.33 -5.15
C ALA D 168 -30.23 11.43 -5.38
N PHE D 169 -29.59 12.37 -4.69
CA PHE D 169 -28.14 12.58 -4.81
C PHE D 169 -27.41 11.39 -4.24
N LEU D 170 -27.82 10.96 -3.04
CA LEU D 170 -27.19 9.82 -2.38
C LEU D 170 -27.34 8.53 -3.19
N GLY D 171 -28.49 8.39 -3.86
CA GLY D 171 -28.75 7.22 -4.69
C GLY D 171 -27.84 7.19 -5.90
N ILE D 172 -27.70 8.33 -6.58
CA ILE D 172 -26.82 8.42 -7.74
C ILE D 172 -25.38 8.16 -7.29
N ALA D 173 -24.97 8.85 -6.23
CA ALA D 173 -23.64 8.71 -5.69
C ALA D 173 -23.23 7.25 -5.47
N TYR D 174 -24.10 6.49 -4.80
CA TYR D 174 -23.83 5.08 -4.48
C TYR D 174 -23.97 4.21 -5.72
N ASN D 175 -24.99 4.49 -6.51
CA ASN D 175 -25.23 3.71 -7.72
C ASN D 175 -24.06 3.90 -8.68
N THR D 176 -23.84 5.14 -9.10
CA THR D 176 -22.79 5.48 -10.07
C THR D 176 -21.35 5.54 -9.56
N LEU D 177 -21.18 5.86 -8.29
CA LEU D 177 -19.83 5.99 -7.70
C LEU D 177 -19.11 7.25 -8.21
N LEU D 178 -19.84 8.09 -8.92
CA LEU D 178 -19.28 9.32 -9.47
C LEU D 178 -18.77 10.21 -8.34
N ARG D 179 -17.72 10.97 -8.61
CA ARG D 179 -17.19 11.89 -7.62
C ARG D 179 -18.11 13.11 -7.56
N ILE D 180 -18.14 13.77 -6.41
CA ILE D 180 -19.01 14.91 -6.23
C ILE D 180 -18.91 15.92 -7.35
N ALA D 181 -17.69 16.17 -7.85
CA ALA D 181 -17.50 17.11 -8.95
C ALA D 181 -18.19 16.61 -10.22
N GLU D 182 -18.14 15.31 -10.46
CA GLU D 182 -18.79 14.73 -11.62
C GLU D 182 -20.30 14.87 -11.48
N ILE D 183 -20.81 14.69 -10.26
CA ILE D 183 -22.23 14.80 -10.01
C ILE D 183 -22.75 16.21 -10.23
N ALA D 184 -22.05 17.19 -9.67
CA ALA D 184 -22.45 18.59 -9.82
C ALA D 184 -22.41 19.07 -11.28
N ARG D 185 -21.73 18.32 -12.13
CA ARG D 185 -21.61 18.70 -13.54
C ARG D 185 -22.83 18.25 -14.37
N ILE D 186 -23.33 17.05 -14.07
CA ILE D 186 -24.49 16.50 -14.78
C ILE D 186 -25.51 17.58 -15.18
N ARG D 187 -26.02 17.48 -16.39
CA ARG D 187 -27.05 18.39 -16.86
C ARG D 187 -28.28 17.55 -17.18
N VAL D 188 -29.46 18.17 -17.13
CA VAL D 188 -30.70 17.46 -17.41
C VAL D 188 -30.60 16.76 -18.75
N LYS D 189 -29.93 17.39 -19.72
CA LYS D 189 -29.78 16.82 -21.05
C LYS D 189 -28.88 15.58 -21.12
N ASP D 190 -28.16 15.28 -20.05
CA ASP D 190 -27.27 14.13 -20.03
C ASP D 190 -27.96 12.82 -19.65
N ILE D 191 -29.23 12.93 -19.25
CA ILE D 191 -30.00 11.76 -18.84
C ILE D 191 -30.73 11.11 -20.00
N SER D 192 -30.53 9.81 -20.17
CA SER D 192 -31.22 9.08 -21.21
C SER D 192 -32.15 8.06 -20.58
N ARG D 193 -32.40 6.97 -21.30
CA ARG D 193 -33.32 5.96 -20.82
C ARG D 193 -33.11 4.63 -21.47
N THR D 194 -33.02 3.58 -20.65
CA THR D 194 -32.94 2.23 -21.19
C THR D 194 -34.37 1.86 -21.55
N ASP D 195 -34.54 1.00 -22.55
CA ASP D 195 -35.88 0.59 -22.91
C ASP D 195 -36.59 0.16 -21.64
N GLY D 196 -35.88 -0.59 -20.81
CA GLY D 196 -36.39 -1.12 -19.55
C GLY D 196 -36.86 -0.08 -18.54
N GLY D 197 -36.65 1.20 -18.84
CA GLY D 197 -37.07 2.27 -17.94
C GLY D 197 -35.95 2.85 -17.10
N ARG D 198 -34.83 2.13 -17.02
CA ARG D 198 -33.69 2.58 -16.23
C ARG D 198 -33.09 3.90 -16.74
N MET D 199 -32.69 4.75 -15.80
CA MET D 199 -32.10 6.05 -16.14
C MET D 199 -30.64 5.88 -16.56
N LEU D 200 -30.23 6.67 -17.54
CA LEU D 200 -28.85 6.63 -18.04
C LEU D 200 -28.22 8.01 -17.96
N ILE D 201 -27.09 8.09 -17.27
CA ILE D 201 -26.40 9.37 -17.14
C ILE D 201 -25.11 9.41 -17.97
N HIS D 202 -25.03 10.38 -18.86
CA HIS D 202 -23.86 10.55 -19.70
C HIS D 202 -22.80 11.36 -18.98
N ILE D 203 -21.63 10.76 -18.77
CA ILE D 203 -20.54 11.45 -18.13
C ILE D 203 -19.46 11.77 -19.14
N GLY D 204 -19.03 13.03 -19.15
CA GLY D 204 -18.00 13.49 -20.07
C GLY D 204 -16.63 13.44 -19.41
N ARG D 205 -16.30 14.48 -18.65
CA ARG D 205 -15.01 14.50 -18.01
C ARG D 205 -14.98 14.09 -16.55
N THR D 206 -13.92 13.37 -16.20
CA THR D 206 -13.70 12.91 -14.84
C THR D 206 -12.30 13.36 -14.43
N LYS D 207 -11.81 12.83 -13.33
CA LYS D 207 -10.48 13.19 -12.84
C LYS D 207 -9.43 12.36 -13.58
N THR D 208 -9.84 11.21 -14.08
CA THR D 208 -8.93 10.34 -14.84
C THR D 208 -9.33 10.27 -16.30
N LEU D 209 -10.25 11.14 -16.71
CA LEU D 209 -10.69 11.15 -18.10
C LEU D 209 -11.18 12.49 -18.63
N VAL D 210 -10.89 12.72 -19.91
CA VAL D 210 -11.30 13.92 -20.62
C VAL D 210 -11.61 13.45 -22.04
N SER D 211 -12.87 13.58 -22.46
CA SER D 211 -13.20 13.13 -23.81
C SER D 211 -14.64 13.36 -24.24
N THR D 212 -14.82 13.52 -25.56
CA THR D 212 -16.13 13.70 -26.16
C THR D 212 -16.88 12.37 -26.04
N ALA D 213 -16.10 11.31 -25.81
CA ALA D 213 -16.67 9.99 -25.60
C ALA D 213 -17.29 9.98 -24.22
N GLY D 214 -16.60 9.39 -23.25
CA GLY D 214 -17.12 9.36 -21.89
C GLY D 214 -17.99 8.15 -21.65
N VAL D 215 -18.56 8.08 -20.45
CA VAL D 215 -19.36 6.94 -20.03
C VAL D 215 -20.85 7.25 -19.88
N GLU D 216 -21.64 6.17 -19.82
CA GLU D 216 -23.07 6.26 -19.60
C GLU D 216 -23.32 5.55 -18.28
N LYS D 217 -23.90 6.27 -17.31
CA LYS D 217 -24.16 5.67 -16.00
C LYS D 217 -25.59 5.15 -15.85
N ALA D 218 -25.71 3.86 -15.58
CA ALA D 218 -27.03 3.25 -15.42
C ALA D 218 -27.54 3.34 -13.99
N LEU D 219 -28.78 3.79 -13.85
CA LEU D 219 -29.41 3.89 -12.54
C LEU D 219 -30.39 2.74 -12.35
N SER D 220 -30.44 2.20 -11.13
CA SER D 220 -31.36 1.12 -10.83
C SER D 220 -32.78 1.68 -10.92
N LEU D 221 -33.78 0.81 -10.99
CA LEU D 221 -35.16 1.25 -11.08
C LEU D 221 -35.55 2.07 -9.83
N GLY D 222 -35.07 1.63 -8.67
CA GLY D 222 -35.35 2.32 -7.43
C GLY D 222 -34.70 3.69 -7.45
N VAL D 223 -33.43 3.73 -7.87
CA VAL D 223 -32.69 4.99 -7.92
C VAL D 223 -33.26 5.95 -8.96
N THR D 224 -33.69 5.38 -10.10
CA THR D 224 -34.31 6.16 -11.16
C THR D 224 -35.56 6.83 -10.59
N LYS D 225 -36.33 6.05 -9.83
CA LYS D 225 -37.54 6.55 -9.17
C LYS D 225 -37.18 7.78 -8.33
N LEU D 226 -36.18 7.61 -7.48
CA LEU D 226 -35.73 8.69 -6.60
C LEU D 226 -35.39 9.94 -7.38
N VAL D 227 -34.69 9.77 -8.50
CA VAL D 227 -34.26 10.90 -9.31
C VAL D 227 -35.45 11.57 -9.98
N GLU D 228 -36.32 10.74 -10.55
CA GLU D 228 -37.52 11.23 -11.22
C GLU D 228 -38.33 12.10 -10.25
N ARG D 229 -38.44 11.65 -9.01
CA ARG D 229 -39.19 12.41 -8.02
C ARG D 229 -38.56 13.77 -7.76
N TRP D 230 -37.22 13.83 -7.79
CA TRP D 230 -36.50 15.08 -7.60
C TRP D 230 -36.74 16.00 -8.80
N ILE D 231 -36.70 15.43 -10.00
CA ILE D 231 -36.90 16.22 -11.22
C ILE D 231 -38.26 16.91 -11.18
N SER D 232 -39.28 16.14 -10.83
CA SER D 232 -40.64 16.63 -10.75
C SER D 232 -40.86 17.81 -9.78
N VAL D 233 -40.36 17.66 -8.56
CA VAL D 233 -40.56 18.68 -7.53
C VAL D 233 -39.69 19.93 -7.70
N SER D 234 -38.45 19.75 -8.13
CA SER D 234 -37.54 20.87 -8.31
C SER D 234 -37.85 21.68 -9.58
N GLY D 235 -38.32 20.99 -10.61
CA GLY D 235 -38.62 21.64 -11.89
C GLY D 235 -37.32 21.95 -12.63
N VAL D 236 -36.37 21.03 -12.54
CA VAL D 236 -35.09 21.22 -13.21
C VAL D 236 -35.19 20.96 -14.71
N ALA D 237 -35.96 19.94 -15.07
CA ALA D 237 -36.13 19.56 -16.47
C ALA D 237 -36.75 20.67 -17.32
N ASP D 238 -37.08 21.78 -16.70
CA ASP D 238 -37.64 22.91 -17.43
C ASP D 238 -36.78 23.13 -18.68
N ASP D 239 -35.50 23.18 -18.45
CA ASP D 239 -34.51 23.45 -19.48
C ASP D 239 -33.47 22.37 -19.36
N PRO D 240 -33.28 21.54 -20.39
CA PRO D 240 -32.28 20.48 -20.38
C PRO D 240 -30.82 20.87 -20.12
N ASN D 241 -30.52 22.16 -20.16
CA ASN D 241 -29.14 22.62 -19.95
C ASN D 241 -28.91 22.96 -18.49
N ASN D 242 -29.99 22.85 -17.72
CA ASN D 242 -29.92 23.08 -16.29
C ASN D 242 -29.19 21.91 -15.63
N TYR D 243 -28.41 22.22 -14.60
CA TYR D 243 -27.72 21.15 -13.89
C TYR D 243 -28.79 20.37 -13.15
N LEU D 244 -28.69 19.05 -13.19
CA LEU D 244 -29.66 18.18 -12.53
C LEU D 244 -29.85 18.56 -11.06
N PHE D 245 -28.74 18.90 -10.40
CA PHE D 245 -28.77 19.26 -8.99
C PHE D 245 -28.58 20.74 -8.79
N CYS D 246 -29.43 21.33 -7.95
CA CYS D 246 -29.38 22.76 -7.66
C CYS D 246 -29.73 23.00 -6.21
N ARG D 247 -29.59 24.26 -5.78
CA ARG D 247 -29.90 24.61 -4.40
C ARG D 247 -31.41 24.57 -4.13
N VAL D 248 -31.74 24.49 -2.85
CA VAL D 248 -33.13 24.50 -2.40
C VAL D 248 -33.17 25.37 -1.14
N ARG D 249 -33.79 26.55 -1.26
CA ARG D 249 -33.83 27.50 -0.16
C ARG D 249 -34.77 27.11 0.98
N LYS D 250 -34.63 27.82 2.10
CA LYS D 250 -35.42 27.52 3.30
C LYS D 250 -36.91 27.33 3.05
N ASN D 251 -37.51 28.17 2.22
CA ASN D 251 -38.92 28.07 1.93
C ASN D 251 -39.23 26.83 1.08
N GLY D 252 -38.19 26.03 0.86
CA GLY D 252 -38.33 24.78 0.11
C GLY D 252 -38.44 24.96 -1.39
N VAL D 253 -38.17 26.15 -1.89
CA VAL D 253 -38.24 26.41 -3.32
C VAL D 253 -36.90 26.13 -4.00
N ALA D 254 -36.91 25.24 -4.99
CA ALA D 254 -35.69 24.94 -5.72
C ALA D 254 -35.24 26.20 -6.44
N ALA D 255 -34.06 26.17 -7.05
CA ALA D 255 -33.51 27.31 -7.76
C ALA D 255 -32.62 26.83 -8.90
N PRO D 256 -33.26 26.26 -9.91
CA PRO D 256 -32.54 25.70 -11.05
C PRO D 256 -31.62 26.70 -11.74
N SER D 257 -30.59 26.19 -12.41
CA SER D 257 -29.63 27.02 -13.11
C SER D 257 -28.89 26.23 -14.17
N ALA D 258 -28.49 26.92 -15.23
CA ALA D 258 -27.76 26.30 -16.33
C ALA D 258 -26.36 26.89 -16.40
N THR D 259 -26.06 27.78 -15.48
CA THR D 259 -24.75 28.41 -15.45
C THR D 259 -23.99 28.16 -14.14
N SER D 260 -24.74 27.89 -13.07
CA SER D 260 -24.11 27.62 -11.78
C SER D 260 -24.48 26.24 -11.27
N GLN D 261 -23.50 25.53 -10.73
CA GLN D 261 -23.72 24.20 -10.20
C GLN D 261 -23.80 24.29 -8.69
N LEU D 262 -24.35 23.25 -8.07
CA LEU D 262 -24.39 23.18 -6.63
C LEU D 262 -22.94 22.92 -6.24
N SER D 263 -22.42 23.70 -5.29
CA SER D 263 -21.02 23.55 -4.92
C SER D 263 -20.73 22.17 -4.35
N THR D 264 -19.54 21.66 -4.61
CA THR D 264 -19.12 20.35 -4.13
C THR D 264 -19.12 20.41 -2.61
N ARG D 265 -18.93 21.62 -2.09
CA ARG D 265 -18.94 21.85 -0.65
C ARG D 265 -20.33 21.54 -0.10
N ALA D 266 -21.34 21.80 -0.93
CA ALA D 266 -22.73 21.52 -0.58
C ALA D 266 -23.00 20.02 -0.74
N LEU D 267 -22.47 19.44 -1.81
CA LEU D 267 -22.61 18.01 -2.04
C LEU D 267 -22.05 17.25 -0.85
N GLU D 268 -21.00 17.81 -0.25
CA GLU D 268 -20.39 17.21 0.93
C GLU D 268 -21.29 17.37 2.14
N GLY D 269 -21.93 18.54 2.25
CA GLY D 269 -22.80 18.84 3.37
C GLY D 269 -23.94 17.83 3.45
N ILE D 270 -24.42 17.40 2.29
CA ILE D 270 -25.49 16.41 2.23
C ILE D 270 -25.06 15.17 3.01
N PHE D 271 -23.87 14.66 2.67
CA PHE D 271 -23.30 13.48 3.35
C PHE D 271 -23.13 13.69 4.85
N GLU D 272 -22.69 14.89 5.22
CA GLU D 272 -22.45 15.21 6.61
C GLU D 272 -23.78 15.36 7.35
N ALA D 273 -24.74 15.99 6.69
CA ALA D 273 -26.07 16.20 7.27
C ALA D 273 -26.75 14.85 7.46
N THR D 274 -26.72 14.05 6.40
CA THR D 274 -27.33 12.74 6.43
C THR D 274 -26.78 11.85 7.55
N HIS D 275 -25.49 11.98 7.84
CA HIS D 275 -24.86 11.18 8.88
C HIS D 275 -25.23 11.73 10.26
N ARG D 276 -25.39 13.04 10.35
CA ARG D 276 -25.77 13.70 11.58
C ARG D 276 -27.20 13.31 11.92
N LEU D 277 -27.99 13.05 10.87
CA LEU D 277 -29.37 12.62 11.02
C LEU D 277 -29.47 11.28 11.75
N ILE D 278 -28.65 10.32 11.35
CA ILE D 278 -28.67 8.99 11.93
C ILE D 278 -27.77 8.78 13.14
N TYR D 279 -26.61 9.45 13.17
CA TYR D 279 -25.66 9.26 14.27
C TYR D 279 -25.46 10.45 15.19
N GLY D 280 -26.05 11.58 14.84
CA GLY D 280 -25.90 12.78 15.68
C GLY D 280 -24.60 13.53 15.40
N ALA D 281 -24.34 14.55 16.21
CA ALA D 281 -23.14 15.39 16.06
C ALA D 281 -21.83 14.62 16.20
N LYS D 282 -20.79 15.15 15.56
CA LYS D 282 -19.47 14.51 15.52
C LYS D 282 -18.42 14.85 16.57
N ASP D 283 -17.66 13.82 16.94
CA ASP D 283 -16.53 13.91 17.88
C ASP D 283 -15.97 15.33 17.99
N ASP D 284 -15.44 15.67 19.16
CA ASP D 284 -14.82 16.98 19.36
C ASP D 284 -13.34 16.91 18.97
N SER D 285 -12.89 15.72 18.63
CA SER D 285 -11.51 15.51 18.21
C SER D 285 -11.12 16.52 17.13
N GLY D 286 -11.97 16.66 16.12
CA GLY D 286 -11.72 17.57 15.01
C GLY D 286 -11.08 16.82 13.84
N GLN D 287 -10.77 15.55 14.07
CA GLN D 287 -10.13 14.70 13.07
C GLN D 287 -11.01 14.36 11.87
N ARG D 288 -10.39 14.32 10.69
CA ARG D 288 -11.06 14.02 9.42
C ARG D 288 -11.68 12.62 9.36
N TYR D 289 -12.81 12.51 8.66
CA TYR D 289 -13.50 11.24 8.45
C TYR D 289 -14.40 10.71 9.58
N LEU D 290 -14.97 11.62 10.36
CA LEU D 290 -15.86 11.24 11.46
C LEU D 290 -17.30 11.05 10.99
N ALA D 291 -17.60 11.59 9.82
CA ALA D 291 -18.93 11.47 9.24
C ALA D 291 -18.69 11.16 7.77
N TRP D 292 -19.75 10.88 7.02
CA TRP D 292 -19.59 10.61 5.61
C TRP D 292 -19.14 11.87 4.87
N SER D 293 -18.45 11.69 3.75
CA SER D 293 -17.96 12.82 2.97
C SER D 293 -18.16 12.54 1.48
N GLY D 294 -17.82 13.51 0.65
CA GLY D 294 -18.00 13.38 -0.79
C GLY D 294 -17.58 12.04 -1.40
N HIS D 295 -16.63 11.35 -0.79
CA HIS D 295 -16.10 10.11 -1.34
C HIS D 295 -16.66 8.83 -0.71
N SER D 296 -17.42 8.99 0.36
CA SER D 296 -17.97 7.86 1.11
C SER D 296 -18.67 6.78 0.27
N ALA D 297 -19.49 7.20 -0.69
CA ALA D 297 -20.24 6.26 -1.52
C ALA D 297 -19.38 5.46 -2.52
N ARG D 298 -18.33 6.10 -3.01
CA ARG D 298 -17.40 5.46 -3.94
C ARG D 298 -16.73 4.31 -3.20
N VAL D 299 -16.14 4.64 -2.06
CA VAL D 299 -15.49 3.64 -1.21
C VAL D 299 -16.46 2.53 -0.83
N GLY D 300 -17.65 2.92 -0.36
CA GLY D 300 -18.67 1.97 0.12
C GLY D 300 -19.21 1.00 -0.92
N ALA D 301 -19.43 1.48 -2.14
CA ALA D 301 -19.96 0.66 -3.22
C ALA D 301 -18.90 -0.29 -3.76
N ALA D 302 -17.66 0.20 -3.84
CA ALA D 302 -16.55 -0.63 -4.29
C ALA D 302 -16.46 -1.80 -3.33
N ARG D 303 -16.52 -1.49 -2.05
CA ARG D 303 -16.47 -2.50 -1.00
C ARG D 303 -17.65 -3.46 -1.10
N ASP D 304 -18.86 -2.90 -1.27
CA ASP D 304 -20.07 -3.72 -1.34
C ASP D 304 -19.96 -4.68 -2.51
N MET D 305 -19.39 -4.18 -3.60
CA MET D 305 -19.23 -4.96 -4.83
C MET D 305 -18.27 -6.14 -4.65
N ALA D 306 -17.22 -5.91 -3.88
CA ALA D 306 -16.25 -6.96 -3.62
C ALA D 306 -16.88 -8.04 -2.75
N ARG D 307 -17.58 -7.60 -1.71
CA ARG D 307 -18.21 -8.50 -0.75
C ARG D 307 -19.26 -9.41 -1.39
N ALA D 308 -19.75 -8.99 -2.55
CA ALA D 308 -20.76 -9.73 -3.30
C ALA D 308 -20.11 -10.67 -4.31
N GLY D 309 -18.79 -10.63 -4.39
CA GLY D 309 -18.06 -11.49 -5.31
C GLY D 309 -17.98 -10.87 -6.71
N VAL D 310 -18.24 -9.57 -6.81
CA VAL D 310 -18.16 -8.89 -8.10
C VAL D 310 -16.71 -8.93 -8.61
N SER D 311 -16.54 -9.12 -9.92
CA SER D 311 -15.21 -9.23 -10.52
C SER D 311 -14.47 -7.90 -10.44
N ILE D 312 -13.27 -7.94 -9.85
CA ILE D 312 -12.42 -6.75 -9.78
C ILE D 312 -12.53 -5.95 -11.11
N PRO D 313 -12.64 -6.67 -12.22
CA PRO D 313 -12.73 -6.05 -13.53
C PRO D 313 -14.08 -5.35 -13.69
N GLU D 314 -15.12 -5.89 -13.05
CA GLU D 314 -16.43 -5.28 -13.13
C GLU D 314 -16.47 -4.12 -12.14
N ILE D 315 -15.76 -4.28 -11.04
CA ILE D 315 -15.64 -3.24 -10.03
C ILE D 315 -14.97 -2.01 -10.64
N MET D 316 -13.90 -2.23 -11.42
CA MET D 316 -13.19 -1.14 -12.06
C MET D 316 -14.08 -0.41 -13.07
N GLN D 317 -14.86 -1.17 -13.81
CA GLN D 317 -15.76 -0.59 -14.78
C GLN D 317 -16.71 0.36 -14.05
N ALA D 318 -17.22 -0.11 -12.92
CA ALA D 318 -18.15 0.66 -12.10
C ALA D 318 -17.56 1.97 -11.57
N GLY D 319 -16.32 1.90 -11.09
CA GLY D 319 -15.64 3.06 -10.55
C GLY D 319 -14.98 3.91 -11.63
N GLY D 320 -14.85 3.35 -12.82
CA GLY D 320 -14.24 4.07 -13.93
C GLY D 320 -12.71 4.07 -13.85
N TRP D 321 -12.16 3.42 -12.82
CA TRP D 321 -10.72 3.37 -12.70
C TRP D 321 -10.16 2.68 -13.94
N THR D 322 -8.84 2.64 -14.06
CA THR D 322 -8.20 1.98 -15.19
C THR D 322 -7.11 1.09 -14.62
N ASN D 323 -6.81 1.27 -13.33
CA ASN D 323 -5.80 0.47 -12.66
C ASN D 323 -6.41 -0.58 -11.75
N VAL D 324 -5.69 -0.97 -10.70
CA VAL D 324 -6.16 -2.00 -9.80
C VAL D 324 -5.73 -1.81 -8.34
N ASN D 325 -5.19 -0.64 -8.01
CA ASN D 325 -4.73 -0.38 -6.65
C ASN D 325 -5.70 0.42 -5.79
N ILE D 326 -6.26 1.48 -6.37
CA ILE D 326 -7.26 2.28 -5.66
C ILE D 326 -8.35 1.28 -5.32
N VAL D 327 -8.81 0.58 -6.35
CA VAL D 327 -9.79 -0.46 -6.18
C VAL D 327 -9.26 -1.35 -5.08
N MET D 328 -8.16 -2.03 -5.35
CA MET D 328 -7.55 -2.92 -4.38
C MET D 328 -7.54 -2.34 -2.97
N ASN D 329 -7.05 -1.11 -2.83
CA ASN D 329 -6.96 -0.50 -1.52
C ASN D 329 -8.25 -0.32 -0.72
N TYR D 330 -9.22 0.34 -1.35
CA TYR D 330 -10.51 0.64 -0.74
C TYR D 330 -11.14 -0.45 0.14
N ILE D 331 -10.48 -1.59 0.31
CA ILE D 331 -11.05 -2.69 1.10
C ILE D 331 -10.23 -3.29 2.23
N ARG D 332 -9.77 -4.53 2.00
CA ARG D 332 -9.05 -5.27 3.03
C ARG D 332 -10.03 -5.36 4.20
N ASN D 333 -9.65 -6.05 5.26
CA ASN D 333 -10.48 -6.09 6.46
C ASN D 333 -9.62 -5.94 7.71
N GLY D 339 -11.86 -15.69 11.00
CA GLY D 339 -10.73 -15.85 10.10
C GLY D 339 -10.92 -17.03 9.13
N ALA D 340 -10.42 -16.89 7.92
CA ALA D 340 -10.50 -17.95 6.91
C ALA D 340 -9.49 -19.04 7.26
N MET D 341 -8.22 -18.69 7.12
CA MET D 341 -7.09 -19.56 7.39
C MET D 341 -7.25 -20.36 8.67
N VAL D 342 -8.11 -19.89 9.55
CA VAL D 342 -8.38 -20.64 10.78
C VAL D 342 -9.06 -21.96 10.36
N ARG D 343 -10.20 -21.84 9.70
CA ARG D 343 -10.98 -22.96 9.16
C ARG D 343 -10.41 -24.39 9.14
N LEU D 344 -9.40 -24.60 8.31
CA LEU D 344 -8.80 -25.92 8.09
C LEU D 344 -8.37 -26.59 9.40
N LEU D 345 -7.45 -25.93 10.08
CA LEU D 345 -6.93 -26.43 11.34
C LEU D 345 -8.10 -26.64 12.30
N GLU D 346 -8.99 -25.67 12.31
CA GLU D 346 -10.16 -25.67 13.19
C GLU D 346 -10.88 -27.01 13.43
N ASP D 347 -11.13 -27.76 12.37
CA ASP D 347 -11.85 -29.02 12.51
C ASP D 347 -12.13 -29.28 13.98
#